data_1JEQ
#
_entry.id   1JEQ
#
_cell.length_a   80.209
_cell.length_b   86.186
_cell.length_c   203.277
_cell.angle_alpha   90.00
_cell.angle_beta   90.00
_cell.angle_gamma   90.00
#
_symmetry.space_group_name_H-M   'P 21 21 21'
#
loop_
_entity.id
_entity.type
_entity.pdbx_description
1 polymer KU70
2 polymer KU80
3 water water
#
loop_
_entity_poly.entity_id
_entity_poly.type
_entity_poly.pdbx_seq_one_letter_code
_entity_poly.pdbx_strand_id
1 'polypeptide(L)'
;MSGWESYYKTEGDEEAEEEQEENLEASGDYKYSGRDSLIFLVDASKAMFESQSEDELTPFDMSIQCIQSVYISKIISSDR
DLLAVVFYGTEKDKNSVNFKNIYVLQELDNPGAKRILELDQFKGQQGQKRFQDMMGHGSDYSLSEVLWVCANLFSDVQFK
MSHKRIMLFTNEDNPHGNDSAKASRARTKAGDLRDTGIFLDLMHLKKPGGFDISLFYRDIISIAEDEDLRVHFEESSKLE
DLLRKVRAKETRKRALSRLKLKLNKDIVISVGIYNLVQKALKPPPIKLYRETNEPVKTKTRTFNTSTGGLLLPSDTKRSQ
IYGSRQIILEKEETEELKRFDDPGLMLMGFKPLVLLKKHHYLRPSLFVYPEESLVIGSSTLFSALLIKCLEKEVAALCRY
TPRRNIPPYFVALVPQEEELDDQKIQVTPPGFQLVFLPFADDKRKMPFTEKIMATPEQVGKMKAIVEKLRFTYRSDSFEN
PVLQQHFRNLEALALDLMEPEQAVDLTLPKVEAMNKRLGSLVDEFKELVYPPDYNPEGKVTKRKHDNEGSGSKRPKVEYS
EEELKTHISKGTLGKFTVPMLKEACRAYGLKSGLKKQELLEALTKHFQD
;
A
2 'polypeptide(L)'
;MVRSGNKAAVVLCMDVGFTMSNSIPGIESPFEQAKKVITMFVQRQVFAENKDEIALVLFGTDGTDNPLSGGDQYQNITVH
RHLMLPDFDLLEDIESKIQPGSQQADFLDALIVSMDVIQHETIGKKFEKRHIEIFTDLSSRFSKSQLDIIIHSLKKCDIS
LQFFLPFSLGKEDGSGDRGDGPFRLGGHGPSFPLKGITEQQKEGLEIVKMVMISLEGEDGLDEIYSFSESLRKLCVFKKI
ERHSIHWPCRLTIGSNLSIRIAAYKSILQERVKKTWTVVDAKTLKKEDIQKETVYCLNDDDETEVLKEDIIQGFRYGSDI
VPFSKVDEEQMKYKSEGKCFSVLGFCKSSQVQRRFFMGNQVLKVFAARDDEAAAVALSSLIHALDDLDMVAIVRYAYDKR
ANPQVGVAFPHIKHNYECLVYVQLPFMEDLRQYMFSSLKNSKKYAPTEAQLNAVDALIDSMSLAKKDEKTDTLEDLFPTT
KIPNPRFQRLFQCLLHRALHPREPLPPIQQHIWNMLNPPAEVTTKSQIPLSKIKTLFPLIEAKKKDQVTAQEIFQDNHED
GPTAK
;
B
#
# COMPACT_ATOMS: atom_id res chain seq x y z
N ARG A 35 -25.20 9.46 15.76
CA ARG A 35 -26.08 9.58 14.56
C ARG A 35 -26.23 11.00 14.06
N ASP A 36 -26.03 11.19 12.77
CA ASP A 36 -26.16 12.50 12.15
C ASP A 36 -27.54 12.63 11.51
N SER A 37 -28.14 13.81 11.61
CA SER A 37 -29.45 14.05 11.02
C SER A 37 -29.34 15.05 9.90
N LEU A 38 -30.13 14.85 8.85
CA LEU A 38 -30.10 15.72 7.69
C LEU A 38 -31.49 15.93 7.10
N ILE A 39 -31.96 17.17 7.13
CA ILE A 39 -33.28 17.49 6.56
C ILE A 39 -33.07 18.04 5.14
N PHE A 40 -33.83 17.52 4.19
CA PHE A 40 -33.72 18.02 2.82
C PHE A 40 -34.91 18.92 2.56
N LEU A 41 -34.62 20.22 2.43
CA LEU A 41 -35.65 21.21 2.21
C LEU A 41 -35.73 21.59 0.75
N VAL A 42 -36.89 21.35 0.13
CA VAL A 42 -37.08 21.64 -1.30
C VAL A 42 -38.12 22.73 -1.64
N ASP A 43 -37.65 23.75 -2.35
CA ASP A 43 -38.48 24.88 -2.77
C ASP A 43 -39.46 24.43 -3.86
N ALA A 44 -40.74 24.50 -3.58
CA ALA A 44 -41.75 24.08 -4.55
C ALA A 44 -42.42 25.28 -5.23
N SER A 45 -41.66 26.35 -5.45
CA SER A 45 -42.17 27.53 -6.13
C SER A 45 -42.33 27.16 -7.60
N LYS A 46 -43.10 27.96 -8.33
CA LYS A 46 -43.33 27.68 -9.74
C LYS A 46 -42.06 27.76 -10.60
N ALA A 47 -41.07 28.54 -10.19
CA ALA A 47 -39.83 28.64 -10.96
C ALA A 47 -39.12 27.30 -10.98
N MET A 48 -39.15 26.62 -9.84
CA MET A 48 -38.51 25.33 -9.66
C MET A 48 -39.02 24.25 -10.64
N PHE A 49 -40.12 24.53 -11.34
CA PHE A 49 -40.60 23.52 -12.27
C PHE A 49 -40.40 23.91 -13.73
N GLU A 50 -39.67 25.00 -13.95
CA GLU A 50 -39.40 25.48 -15.30
C GLU A 50 -37.96 25.17 -15.63
N SER A 51 -37.76 24.37 -16.68
CA SER A 51 -36.42 24.01 -17.13
C SER A 51 -35.79 25.23 -17.80
N GLN A 52 -34.50 25.47 -17.57
CA GLN A 52 -33.85 26.58 -18.23
C GLN A 52 -33.48 26.16 -19.64
N SER A 53 -34.45 26.34 -20.55
CA SER A 53 -34.35 26.01 -21.97
C SER A 53 -33.19 25.15 -22.53
N GLU A 54 -32.84 24.07 -21.83
CA GLU A 54 -31.78 23.18 -22.29
C GLU A 54 -32.32 21.76 -22.17
N ASP A 55 -31.58 20.79 -22.69
CA ASP A 55 -32.02 19.40 -22.58
C ASP A 55 -31.65 18.92 -21.18
N GLU A 56 -31.67 19.89 -20.25
CA GLU A 56 -31.39 19.66 -18.83
C GLU A 56 -32.73 19.56 -18.08
N LEU A 57 -32.68 19.02 -16.86
CA LEU A 57 -33.87 18.84 -16.04
C LEU A 57 -34.26 20.11 -15.29
N THR A 58 -35.48 20.13 -14.78
CA THR A 58 -35.97 21.25 -14.00
C THR A 58 -35.27 21.19 -12.64
N PRO A 59 -35.02 22.35 -12.02
CA PRO A 59 -34.35 22.33 -10.71
C PRO A 59 -35.03 21.42 -9.69
N PHE A 60 -36.35 21.30 -9.76
CA PHE A 60 -37.08 20.43 -8.86
C PHE A 60 -36.61 19.00 -9.12
N ASP A 61 -36.65 18.59 -10.37
CA ASP A 61 -36.23 17.24 -10.75
C ASP A 61 -34.79 16.97 -10.26
N MET A 62 -33.87 17.89 -10.52
CA MET A 62 -32.48 17.73 -10.07
C MET A 62 -32.51 17.43 -8.60
N SER A 63 -33.11 18.35 -7.86
CA SER A 63 -33.22 18.25 -6.42
C SER A 63 -33.72 16.88 -6.00
N ILE A 64 -34.91 16.49 -6.44
CA ILE A 64 -35.42 15.19 -6.04
C ILE A 64 -34.40 14.07 -6.26
N GLN A 65 -33.86 14.00 -7.47
CA GLN A 65 -32.91 12.97 -7.82
C GLN A 65 -31.64 12.94 -7.01
N CYS A 66 -31.17 14.10 -6.56
CA CYS A 66 -29.97 14.13 -5.75
C CYS A 66 -30.28 13.61 -4.36
N ILE A 67 -31.56 13.69 -4.01
CA ILE A 67 -32.00 13.23 -2.71
C ILE A 67 -32.10 11.69 -2.72
N GLN A 68 -32.68 11.12 -3.79
CA GLN A 68 -32.79 9.68 -3.89
C GLN A 68 -31.38 9.13 -3.84
N SER A 69 -30.45 9.92 -4.34
CA SER A 69 -29.06 9.54 -4.38
C SER A 69 -28.47 9.46 -2.98
N VAL A 70 -28.61 10.53 -2.21
CA VAL A 70 -28.06 10.53 -0.88
C VAL A 70 -28.70 9.40 -0.08
N TYR A 71 -29.98 9.15 -0.33
CA TYR A 71 -30.65 8.06 0.39
C TYR A 71 -29.94 6.76 0.02
N ILE A 72 -29.84 6.48 -1.27
CA ILE A 72 -29.19 5.27 -1.70
C ILE A 72 -27.72 5.23 -1.30
N SER A 73 -27.07 6.37 -1.21
CA SER A 73 -25.66 6.37 -0.81
C SER A 73 -25.56 5.83 0.60
N LYS A 74 -26.36 6.39 1.49
CA LYS A 74 -26.37 6.01 2.89
C LYS A 74 -26.68 4.53 3.09
N ILE A 75 -27.58 4.00 2.26
CA ILE A 75 -27.94 2.61 2.40
C ILE A 75 -26.76 1.74 1.97
N ILE A 76 -26.04 2.16 0.93
CA ILE A 76 -24.92 1.37 0.48
C ILE A 76 -23.82 1.26 1.52
N SER A 77 -23.47 2.39 2.15
CA SER A 77 -22.42 2.38 3.16
C SER A 77 -22.97 1.95 4.50
N SER A 78 -24.21 1.44 4.47
CA SER A 78 -24.90 1.00 5.67
C SER A 78 -24.84 2.03 6.81
N ASP A 79 -24.78 3.29 6.42
CA ASP A 79 -24.71 4.36 7.42
C ASP A 79 -26.01 4.44 8.22
N ARG A 80 -25.88 4.79 9.49
CA ARG A 80 -27.03 4.89 10.40
C ARG A 80 -27.62 6.29 10.56
N ASP A 81 -27.32 7.18 9.62
CA ASP A 81 -27.81 8.55 9.68
C ASP A 81 -29.31 8.69 9.45
N LEU A 82 -29.85 9.78 9.95
CA LEU A 82 -31.27 10.05 9.82
C LEU A 82 -31.52 11.11 8.76
N LEU A 83 -32.51 10.85 7.91
CA LEU A 83 -32.85 11.75 6.82
C LEU A 83 -34.33 12.13 6.83
N ALA A 84 -34.60 13.34 6.35
CA ALA A 84 -35.96 13.85 6.28
C ALA A 84 -36.15 14.55 4.95
N VAL A 85 -37.41 14.71 4.56
CA VAL A 85 -37.79 15.36 3.31
C VAL A 85 -38.88 16.38 3.55
N VAL A 86 -38.58 17.64 3.28
CA VAL A 86 -39.55 18.71 3.50
C VAL A 86 -39.67 19.72 2.36
N PHE A 87 -40.90 19.91 1.88
CA PHE A 87 -41.16 20.87 0.83
C PHE A 87 -41.90 22.07 1.38
N TYR A 88 -41.64 23.25 0.83
CA TYR A 88 -42.34 24.44 1.26
C TYR A 88 -42.84 25.18 0.02
N GLY A 89 -43.73 26.14 0.21
CA GLY A 89 -44.27 26.86 -0.93
C GLY A 89 -45.29 25.99 -1.64
N THR A 90 -45.75 24.94 -0.97
CA THR A 90 -46.76 24.04 -1.54
C THR A 90 -48.16 24.56 -1.21
N GLU A 91 -49.18 23.95 -1.78
CA GLU A 91 -50.54 24.41 -1.52
C GLU A 91 -51.09 23.74 -0.27
N LYS A 92 -50.94 22.43 -0.17
CA LYS A 92 -51.40 21.71 1.01
C LYS A 92 -50.31 21.81 2.07
N ASP A 93 -50.58 21.30 3.27
CA ASP A 93 -49.57 21.33 4.32
C ASP A 93 -49.63 20.11 5.22
N LYS A 94 -48.54 19.89 5.95
CA LYS A 94 -48.43 18.76 6.86
C LYS A 94 -47.19 18.92 7.76
N ASN A 95 -47.39 19.50 8.94
CA ASN A 95 -46.32 19.73 9.89
C ASN A 95 -46.98 19.79 11.27
N SER A 96 -46.26 19.35 12.29
CA SER A 96 -46.76 19.28 13.66
C SER A 96 -47.76 20.36 14.10
N VAL A 97 -47.48 21.62 13.78
CA VAL A 97 -48.35 22.71 14.19
C VAL A 97 -49.18 23.33 13.07
N ASN A 98 -49.67 22.51 12.17
CA ASN A 98 -50.47 22.98 11.04
C ASN A 98 -50.06 24.31 10.43
N PHE A 99 -48.76 24.60 10.36
CA PHE A 99 -48.28 25.84 9.74
C PHE A 99 -48.70 25.73 8.29
N LYS A 100 -48.80 26.86 7.60
CA LYS A 100 -49.26 26.81 6.23
C LYS A 100 -48.23 26.74 5.12
N ASN A 101 -48.59 26.04 4.06
CA ASN A 101 -47.76 25.87 2.87
C ASN A 101 -46.53 24.99 3.06
N ILE A 102 -46.42 24.34 4.21
CA ILE A 102 -45.28 23.47 4.49
C ILE A 102 -45.72 22.01 4.59
N TYR A 103 -45.13 21.18 3.74
CA TYR A 103 -45.46 19.76 3.73
C TYR A 103 -44.28 18.88 4.12
N VAL A 104 -44.43 18.14 5.21
CA VAL A 104 -43.37 17.27 5.67
C VAL A 104 -43.66 15.88 5.12
N LEU A 105 -42.99 15.53 4.03
CA LEU A 105 -43.18 14.25 3.38
C LEU A 105 -42.64 13.11 4.22
N GLN A 106 -41.40 13.27 4.69
CA GLN A 106 -40.74 12.26 5.54
C GLN A 106 -40.01 12.92 6.72
N GLU A 107 -40.27 12.42 7.93
CA GLU A 107 -39.64 12.94 9.13
C GLU A 107 -38.29 12.27 9.28
N LEU A 108 -37.44 12.81 10.15
CA LEU A 108 -36.13 12.22 10.38
C LEU A 108 -36.26 10.75 10.73
N ASP A 109 -35.59 9.90 9.95
CA ASP A 109 -35.63 8.45 10.10
C ASP A 109 -34.59 7.83 9.16
N ASN A 110 -34.40 6.52 9.26
CA ASN A 110 -33.45 5.82 8.40
C ASN A 110 -33.97 5.61 6.98
N PRO A 111 -33.06 5.53 6.00
CA PRO A 111 -33.46 5.33 4.60
C PRO A 111 -34.00 3.92 4.36
N GLY A 112 -35.07 3.84 3.58
CA GLY A 112 -35.66 2.55 3.31
C GLY A 112 -36.16 2.46 1.89
N ALA A 113 -36.40 1.25 1.44
CA ALA A 113 -36.88 1.01 0.09
C ALA A 113 -38.09 1.88 -0.26
N LYS A 114 -39.09 1.83 0.60
CA LYS A 114 -40.32 2.60 0.39
C LYS A 114 -40.10 4.10 0.36
N ARG A 115 -39.16 4.60 1.16
CA ARG A 115 -38.92 6.02 1.15
C ARG A 115 -38.38 6.43 -0.22
N ILE A 116 -37.43 5.67 -0.73
CA ILE A 116 -36.86 5.97 -2.02
C ILE A 116 -37.93 5.89 -3.10
N LEU A 117 -38.72 4.82 -3.07
CA LEU A 117 -39.80 4.63 -4.02
C LEU A 117 -40.69 5.87 -4.02
N GLU A 118 -41.06 6.32 -2.82
CA GLU A 118 -41.90 7.50 -2.67
C GLU A 118 -41.28 8.69 -3.36
N LEU A 119 -40.06 9.05 -2.97
CA LEU A 119 -39.40 10.19 -3.60
C LEU A 119 -39.38 10.04 -5.12
N ASP A 120 -39.09 8.83 -5.57
CA ASP A 120 -39.02 8.50 -6.97
C ASP A 120 -40.31 8.85 -7.73
N GLN A 121 -41.44 8.84 -7.04
CA GLN A 121 -42.71 9.17 -7.68
C GLN A 121 -42.82 10.63 -8.14
N PHE A 122 -41.81 11.43 -7.80
CA PHE A 122 -41.81 12.85 -8.16
C PHE A 122 -40.73 13.17 -9.17
N LYS A 123 -40.06 12.13 -9.66
CA LYS A 123 -38.99 12.26 -10.63
C LYS A 123 -39.57 12.30 -12.04
N GLY A 124 -38.84 12.92 -12.96
CA GLY A 124 -39.31 12.99 -14.33
C GLY A 124 -40.50 13.90 -14.50
N GLN A 125 -40.92 14.12 -15.74
CA GLN A 125 -42.04 15.01 -15.98
C GLN A 125 -43.33 14.44 -15.40
N GLN A 126 -43.57 13.15 -15.62
CA GLN A 126 -44.78 12.52 -15.10
C GLN A 126 -44.84 12.62 -13.57
N GLY A 127 -43.69 12.50 -12.94
CA GLY A 127 -43.64 12.58 -11.49
C GLY A 127 -43.86 14.00 -11.02
N GLN A 128 -43.58 14.96 -11.90
CA GLN A 128 -43.75 16.36 -11.58
C GLN A 128 -45.24 16.61 -11.41
N LYS A 129 -46.03 16.04 -12.31
CA LYS A 129 -47.48 16.18 -12.26
C LYS A 129 -47.94 15.57 -10.95
N ARG A 130 -47.48 14.36 -10.65
CA ARG A 130 -47.87 13.71 -9.41
C ARG A 130 -47.62 14.61 -8.20
N PHE A 131 -46.49 15.30 -8.18
CA PHE A 131 -46.18 16.19 -7.07
C PHE A 131 -47.14 17.37 -7.08
N GLN A 132 -47.25 17.99 -8.25
CA GLN A 132 -48.14 19.14 -8.45
C GLN A 132 -49.53 18.82 -7.90
N ASP A 133 -50.12 17.76 -8.41
CA ASP A 133 -51.46 17.36 -7.97
C ASP A 133 -51.59 17.25 -6.45
N MET A 134 -50.70 16.47 -5.84
CA MET A 134 -50.72 16.23 -4.41
C MET A 134 -50.50 17.48 -3.54
N MET A 135 -49.49 18.27 -3.86
CA MET A 135 -49.21 19.47 -3.07
C MET A 135 -48.97 20.67 -3.98
N GLY A 136 -49.96 21.00 -4.80
CA GLY A 136 -49.82 22.14 -5.72
C GLY A 136 -48.78 23.17 -5.34
N HIS A 137 -47.89 23.47 -6.28
CA HIS A 137 -46.83 24.44 -6.05
C HIS A 137 -47.31 25.88 -5.99
N GLY A 138 -46.38 26.79 -6.29
CA GLY A 138 -46.66 28.22 -6.30
C GLY A 138 -47.60 28.69 -5.22
N SER A 139 -47.09 28.85 -4.00
CA SER A 139 -47.93 29.31 -2.89
C SER A 139 -47.17 30.26 -1.97
N ASP A 140 -47.91 31.07 -1.23
CA ASP A 140 -47.31 32.01 -0.30
C ASP A 140 -46.62 31.19 0.79
N TYR A 141 -45.68 31.80 1.52
CA TYR A 141 -44.96 31.10 2.60
C TYR A 141 -43.98 32.06 3.27
N SER A 142 -43.42 31.65 4.41
CA SER A 142 -42.42 32.46 5.10
C SER A 142 -41.39 31.50 5.68
N LEU A 143 -40.12 31.73 5.37
CA LEU A 143 -39.02 30.88 5.83
C LEU A 143 -38.97 30.61 7.32
N SER A 144 -39.28 31.61 8.14
CA SER A 144 -39.26 31.39 9.58
C SER A 144 -40.12 30.17 9.91
N GLU A 145 -41.38 30.19 9.48
CA GLU A 145 -42.27 29.08 9.75
C GLU A 145 -41.65 27.79 9.26
N VAL A 146 -41.02 27.84 8.09
CA VAL A 146 -40.38 26.68 7.50
C VAL A 146 -39.14 26.30 8.30
N LEU A 147 -38.33 27.28 8.65
CA LEU A 147 -37.15 26.99 9.43
C LEU A 147 -37.50 26.32 10.75
N TRP A 148 -38.63 26.73 11.33
CA TRP A 148 -39.11 26.20 12.60
C TRP A 148 -39.48 24.72 12.48
N VAL A 149 -40.27 24.39 11.46
CA VAL A 149 -40.70 23.02 11.23
C VAL A 149 -39.51 22.05 11.14
N CYS A 150 -38.47 22.47 10.43
CA CYS A 150 -37.28 21.63 10.28
C CYS A 150 -36.55 21.55 11.61
N ALA A 151 -36.41 22.70 12.26
CA ALA A 151 -35.76 22.74 13.55
C ALA A 151 -36.59 21.83 14.47
N ASN A 152 -37.87 21.76 14.18
CA ASN A 152 -38.77 20.97 14.97
C ASN A 152 -38.63 19.49 14.70
N LEU A 153 -38.42 19.10 13.45
CA LEU A 153 -38.27 17.68 13.10
C LEU A 153 -37.11 17.03 13.85
N PHE A 154 -36.13 17.85 14.22
CA PHE A 154 -34.97 17.39 14.97
C PHE A 154 -35.38 17.04 16.38
N SER A 155 -35.95 18.02 17.09
CA SER A 155 -36.40 17.83 18.47
C SER A 155 -37.09 16.49 18.62
N ASP A 156 -38.12 16.30 17.82
CA ASP A 156 -38.94 15.10 17.80
C ASP A 156 -38.08 13.82 17.87
N VAL A 157 -36.84 13.90 17.40
CA VAL A 157 -35.93 12.75 17.41
C VAL A 157 -35.81 12.19 18.82
N GLN A 158 -35.79 10.87 18.94
CA GLN A 158 -35.65 10.24 20.24
C GLN A 158 -34.24 9.70 20.48
N PHE A 159 -33.32 9.97 19.54
CA PHE A 159 -31.94 9.50 19.67
C PHE A 159 -31.01 10.69 19.92
N LYS A 160 -29.70 10.41 19.95
CA LYS A 160 -28.67 11.45 20.16
C LYS A 160 -28.06 11.76 18.79
N MET A 161 -27.88 13.04 18.50
CA MET A 161 -27.37 13.43 17.19
C MET A 161 -26.03 14.19 17.13
N SER A 162 -25.08 13.61 16.42
CA SER A 162 -23.74 14.17 16.24
C SER A 162 -23.77 15.41 15.35
N HIS A 163 -24.73 15.47 14.44
CA HIS A 163 -24.87 16.61 13.55
C HIS A 163 -26.32 16.89 13.16
N LYS A 164 -26.62 18.18 13.05
CA LYS A 164 -27.95 18.64 12.69
C LYS A 164 -27.80 19.61 11.54
N ARG A 165 -28.14 19.18 10.33
CA ARG A 165 -28.04 20.05 9.16
C ARG A 165 -29.31 20.09 8.32
N ILE A 166 -29.50 21.19 7.61
CA ILE A 166 -30.62 21.38 6.72
C ILE A 166 -30.00 21.73 5.39
N MET A 167 -30.40 21.03 4.33
CA MET A 167 -29.87 21.30 3.00
C MET A 167 -31.04 21.86 2.17
N LEU A 168 -30.93 23.15 1.84
CA LEU A 168 -31.95 23.87 1.09
C LEU A 168 -31.75 23.92 -0.42
N PHE A 169 -32.68 23.29 -1.14
CA PHE A 169 -32.67 23.28 -2.59
C PHE A 169 -33.65 24.33 -3.10
N THR A 170 -33.13 25.44 -3.63
CA THR A 170 -34.00 26.48 -4.16
C THR A 170 -33.31 27.29 -5.24
N ASN A 171 -34.06 27.61 -6.29
CA ASN A 171 -33.52 28.44 -7.35
C ASN A 171 -34.06 29.87 -7.21
N GLU A 172 -34.50 30.22 -6.01
CA GLU A 172 -35.03 31.56 -5.69
C GLU A 172 -34.06 32.28 -4.74
N ASP A 173 -33.38 33.30 -5.24
CA ASP A 173 -32.38 34.03 -4.44
C ASP A 173 -32.83 35.11 -3.46
N ASN A 174 -34.05 35.61 -3.60
CA ASN A 174 -34.55 36.66 -2.70
C ASN A 174 -36.04 36.46 -2.44
N PRO A 175 -36.38 35.40 -1.67
CA PRO A 175 -37.72 34.95 -1.26
C PRO A 175 -38.67 35.99 -0.68
N HIS A 176 -38.16 36.84 0.21
CA HIS A 176 -39.01 37.84 0.85
C HIS A 176 -38.56 39.28 0.61
N GLY A 177 -38.19 39.59 -0.63
CA GLY A 177 -37.76 40.93 -0.95
C GLY A 177 -38.91 41.92 -1.01
N ASN A 178 -40.12 41.39 -1.05
CA ASN A 178 -41.31 42.21 -1.11
C ASN A 178 -42.02 42.31 0.25
N ASP A 179 -41.63 41.46 1.19
CA ASP A 179 -42.24 41.46 2.52
C ASP A 179 -41.15 41.65 3.58
N SER A 180 -40.67 42.87 3.68
CA SER A 180 -39.62 43.27 4.61
C SER A 180 -39.84 42.87 6.07
N ALA A 181 -40.85 42.05 6.34
CA ALA A 181 -41.10 41.60 7.70
C ALA A 181 -40.74 40.13 7.79
N LYS A 182 -41.26 39.36 6.85
CA LYS A 182 -40.96 37.93 6.81
C LYS A 182 -39.45 37.80 6.66
N ALA A 183 -38.89 38.58 5.76
CA ALA A 183 -37.46 38.55 5.51
C ALA A 183 -36.66 38.72 6.80
N SER A 184 -37.25 39.45 7.76
CA SER A 184 -36.61 39.71 9.03
C SER A 184 -36.79 38.54 10.00
N ARG A 185 -37.99 37.99 10.04
CA ARG A 185 -38.23 36.87 10.92
C ARG A 185 -37.33 35.71 10.49
N ALA A 186 -37.17 35.55 9.18
CA ALA A 186 -36.35 34.48 8.63
C ALA A 186 -34.87 34.60 9.01
N ARG A 187 -34.31 35.80 8.94
CA ARG A 187 -32.91 35.96 9.29
C ARG A 187 -32.75 35.65 10.78
N THR A 188 -33.68 36.14 11.58
CA THR A 188 -33.62 35.88 13.00
C THR A 188 -33.68 34.37 13.20
N LYS A 189 -34.80 33.80 12.82
CA LYS A 189 -35.03 32.37 12.97
C LYS A 189 -33.83 31.54 12.60
N ALA A 190 -33.15 31.93 11.52
CA ALA A 190 -31.97 31.19 11.10
C ALA A 190 -30.91 31.38 12.16
N GLY A 191 -30.62 32.63 12.49
CA GLY A 191 -29.63 32.94 13.51
C GLY A 191 -29.84 32.11 14.76
N ASP A 192 -31.09 31.79 15.06
CA ASP A 192 -31.39 31.00 16.25
C ASP A 192 -30.97 29.56 16.06
N LEU A 193 -31.25 28.99 14.89
CA LEU A 193 -30.88 27.61 14.64
C LEU A 193 -29.39 27.39 14.87
N ARG A 194 -28.56 28.29 14.34
CA ARG A 194 -27.12 28.15 14.53
C ARG A 194 -26.82 28.01 16.01
N ASP A 195 -27.49 28.82 16.81
CA ASP A 195 -27.29 28.78 18.26
C ASP A 195 -27.69 27.44 18.82
N THR A 196 -28.66 26.80 18.17
CA THR A 196 -29.12 25.48 18.60
C THR A 196 -28.21 24.38 18.04
N GLY A 197 -27.28 24.78 17.17
CA GLY A 197 -26.37 23.82 16.58
C GLY A 197 -26.87 23.21 15.28
N ILE A 198 -27.89 23.83 14.70
CA ILE A 198 -28.44 23.33 13.45
C ILE A 198 -27.80 24.14 12.33
N PHE A 199 -27.27 23.44 11.33
CA PHE A 199 -26.60 24.09 10.22
C PHE A 199 -27.31 23.94 8.89
N LEU A 200 -27.38 25.04 8.16
CA LEU A 200 -28.04 25.03 6.85
C LEU A 200 -27.06 25.32 5.72
N ASP A 201 -27.12 24.49 4.68
CA ASP A 201 -26.28 24.67 3.51
C ASP A 201 -27.19 24.99 2.34
N LEU A 202 -26.76 25.90 1.48
CA LEU A 202 -27.57 26.27 0.34
C LEU A 202 -27.20 25.61 -0.99
N MET A 203 -28.10 24.79 -1.49
CA MET A 203 -27.88 24.14 -2.77
C MET A 203 -28.69 24.99 -3.74
N HIS A 204 -28.20 26.20 -4.00
CA HIS A 204 -28.92 27.09 -4.91
C HIS A 204 -28.89 26.54 -6.33
N LEU A 205 -30.04 26.61 -6.99
CA LEU A 205 -30.20 26.12 -8.34
C LEU A 205 -30.33 27.29 -9.32
N LYS A 206 -30.14 27.01 -10.60
CA LYS A 206 -30.21 28.06 -11.62
C LYS A 206 -31.53 28.78 -11.80
N LYS A 207 -31.41 30.05 -12.17
CA LYS A 207 -32.56 30.91 -12.41
C LYS A 207 -32.15 31.93 -13.48
N PRO A 208 -33.09 32.30 -14.37
CA PRO A 208 -32.78 33.26 -15.42
C PRO A 208 -32.14 34.53 -14.85
N GLY A 209 -30.92 34.78 -15.29
CA GLY A 209 -30.20 35.94 -14.84
C GLY A 209 -29.08 35.60 -13.88
N GLY A 210 -29.17 34.41 -13.28
CA GLY A 210 -28.17 33.97 -12.31
C GLY A 210 -28.82 33.71 -10.95
N PHE A 211 -28.04 33.83 -9.87
CA PHE A 211 -28.57 33.63 -8.53
C PHE A 211 -27.65 34.38 -7.59
N ASP A 212 -28.08 35.56 -7.16
CA ASP A 212 -27.27 36.37 -6.27
C ASP A 212 -27.40 35.90 -4.81
N ILE A 213 -26.33 35.32 -4.27
CA ILE A 213 -26.35 34.85 -2.90
C ILE A 213 -26.35 36.03 -1.93
N SER A 214 -25.69 37.12 -2.31
CA SER A 214 -25.59 38.29 -1.45
C SER A 214 -26.88 39.06 -1.13
N LEU A 215 -27.98 38.72 -1.81
CA LEU A 215 -29.26 39.40 -1.58
C LEU A 215 -30.02 38.89 -0.37
N PHE A 216 -29.69 37.69 0.08
CA PHE A 216 -30.42 37.15 1.21
C PHE A 216 -29.73 36.03 1.96
N TYR A 217 -29.63 34.88 1.32
CA TYR A 217 -29.03 33.70 1.94
C TYR A 217 -27.67 33.95 2.55
N ARG A 218 -27.07 35.07 2.17
CA ARG A 218 -25.79 35.50 2.69
C ARG A 218 -25.84 35.46 4.23
N ASP A 219 -26.87 36.07 4.79
CA ASP A 219 -27.04 36.11 6.25
C ASP A 219 -27.84 34.92 6.76
N ILE A 220 -27.85 33.84 6.00
CA ILE A 220 -28.62 32.66 6.38
C ILE A 220 -27.83 31.36 6.42
N ILE A 221 -26.94 31.16 5.45
CA ILE A 221 -26.11 29.96 5.37
C ILE A 221 -25.09 29.94 6.51
N SER A 222 -24.61 28.76 6.88
CA SER A 222 -23.66 28.62 7.98
C SER A 222 -22.19 28.56 7.58
N ILE A 223 -21.37 29.33 8.29
CA ILE A 223 -19.91 29.38 8.05
C ILE A 223 -19.18 29.63 9.37
N VAL A 231 -14.29 30.23 -0.77
CA VAL A 231 -15.53 30.84 -1.26
C VAL A 231 -16.64 29.81 -1.36
N HIS A 232 -17.84 30.28 -1.69
CA HIS A 232 -19.02 29.44 -1.78
C HIS A 232 -19.16 28.71 -3.12
N PHE A 233 -20.05 27.74 -3.17
CA PHE A 233 -20.31 26.96 -4.37
C PHE A 233 -21.00 27.77 -5.45
N GLU A 234 -20.82 27.36 -6.70
CA GLU A 234 -21.44 28.01 -7.84
C GLU A 234 -22.88 27.49 -7.90
N GLU A 235 -23.73 28.16 -8.67
CA GLU A 235 -25.11 27.70 -8.77
C GLU A 235 -25.14 26.46 -9.64
N SER A 236 -26.00 25.51 -9.28
CA SER A 236 -26.12 24.27 -10.01
C SER A 236 -27.17 24.33 -11.11
N SER A 237 -26.75 24.01 -12.34
CA SER A 237 -27.65 24.01 -13.48
C SER A 237 -27.75 22.60 -14.05
N LYS A 238 -26.80 21.75 -13.69
CA LYS A 238 -26.78 20.37 -14.17
C LYS A 238 -26.84 19.40 -13.02
N LEU A 239 -27.52 18.28 -13.22
CA LEU A 239 -27.61 17.27 -12.19
C LEU A 239 -26.21 16.79 -11.79
N GLU A 240 -25.28 16.80 -12.74
CA GLU A 240 -23.90 16.35 -12.49
C GLU A 240 -23.20 17.19 -11.42
N ASP A 241 -23.32 18.50 -11.49
CA ASP A 241 -22.66 19.35 -10.50
C ASP A 241 -23.43 19.43 -9.20
N LEU A 242 -24.75 19.24 -9.28
CA LEU A 242 -25.54 19.29 -8.06
C LEU A 242 -25.21 18.11 -7.15
N LEU A 243 -25.09 16.93 -7.75
CA LEU A 243 -24.76 15.73 -6.99
C LEU A 243 -23.38 15.87 -6.36
N ARG A 244 -22.43 16.39 -7.15
CA ARG A 244 -21.07 16.58 -6.68
C ARG A 244 -21.07 17.51 -5.47
N LYS A 245 -21.95 18.51 -5.54
CA LYS A 245 -22.05 19.47 -4.46
C LYS A 245 -22.74 18.82 -3.28
N VAL A 246 -23.74 17.98 -3.55
CA VAL A 246 -24.43 17.31 -2.47
C VAL A 246 -23.51 16.29 -1.81
N ARG A 247 -22.88 15.43 -2.62
CA ARG A 247 -21.96 14.43 -2.10
C ARG A 247 -20.92 15.08 -1.19
N ALA A 248 -20.41 16.22 -1.62
CA ALA A 248 -19.41 16.95 -0.87
C ALA A 248 -19.90 17.50 0.48
N LYS A 249 -21.19 17.29 0.80
CA LYS A 249 -21.73 17.77 2.06
C LYS A 249 -22.71 16.82 2.76
N GLU A 250 -23.01 15.71 2.09
CA GLU A 250 -23.93 14.72 2.63
C GLU A 250 -23.35 14.07 3.87
N THR A 251 -22.04 14.19 4.04
CA THR A 251 -21.35 13.60 5.19
C THR A 251 -20.50 14.66 5.88
N ARG A 252 -20.05 14.33 7.08
CA ARG A 252 -19.23 15.23 7.86
C ARG A 252 -17.89 14.56 8.18
N LYS A 253 -16.82 15.35 8.18
CA LYS A 253 -15.49 14.84 8.48
C LYS A 253 -15.53 13.77 9.56
N ARG A 254 -14.86 12.64 9.29
CA ARG A 254 -14.75 11.54 10.24
C ARG A 254 -13.30 11.06 10.18
N ALA A 255 -12.52 11.40 11.20
CA ALA A 255 -11.11 10.99 11.25
C ALA A 255 -10.96 9.52 11.56
N LEU A 256 -9.91 8.92 11.03
CA LEU A 256 -9.68 7.52 11.27
C LEU A 256 -9.12 7.46 12.68
N SER A 257 -8.45 8.53 13.05
CA SER A 257 -7.85 8.65 14.36
C SER A 257 -7.20 10.01 14.51
N ARG A 258 -6.47 10.18 15.59
CA ARG A 258 -5.78 11.42 15.88
C ARG A 258 -4.47 10.98 16.50
N LEU A 259 -3.37 11.53 16.01
CA LEU A 259 -2.08 11.11 16.52
C LEU A 259 -1.12 12.25 16.78
N LYS A 260 -0.04 11.91 17.45
CA LYS A 260 0.99 12.87 17.75
C LYS A 260 2.00 12.77 16.62
N LEU A 261 2.18 13.86 15.89
CA LEU A 261 3.17 13.88 14.84
C LEU A 261 4.34 14.56 15.54
N LYS A 262 5.21 13.74 16.12
CA LYS A 262 6.35 14.28 16.85
C LYS A 262 7.47 14.69 15.93
N LEU A 263 7.89 15.95 16.00
CA LEU A 263 9.01 16.40 15.17
C LEU A 263 10.28 15.96 15.86
N ASN A 264 10.14 15.65 17.16
CA ASN A 264 11.20 15.14 18.01
C ASN A 264 10.50 14.80 19.32
N LYS A 265 11.24 14.28 20.28
CA LYS A 265 10.66 13.92 21.56
C LYS A 265 9.60 14.91 22.03
N ASP A 266 9.99 16.18 22.11
CA ASP A 266 9.08 17.22 22.60
C ASP A 266 8.23 17.97 21.59
N ILE A 267 8.85 18.65 20.63
CA ILE A 267 8.09 19.37 19.61
C ILE A 267 7.05 18.45 18.97
N VAL A 268 5.81 18.53 19.44
CA VAL A 268 4.76 17.66 18.93
C VAL A 268 3.51 18.40 18.50
N ILE A 269 2.89 17.94 17.42
CA ILE A 269 1.65 18.55 16.93
C ILE A 269 0.63 17.44 16.71
N SER A 270 -0.65 17.73 16.98
CA SER A 270 -1.70 16.73 16.81
C SER A 270 -2.30 16.83 15.42
N VAL A 271 -2.51 15.68 14.80
CA VAL A 271 -3.11 15.65 13.47
C VAL A 271 -4.22 14.60 13.44
N GLY A 272 -5.13 14.76 12.49
CA GLY A 272 -6.22 13.82 12.32
C GLY A 272 -5.89 12.99 11.09
N ILE A 273 -6.01 11.67 11.21
CA ILE A 273 -5.72 10.82 10.08
C ILE A 273 -7.04 10.43 9.43
N TYR A 274 -7.20 10.78 8.16
CA TYR A 274 -8.43 10.47 7.45
C TYR A 274 -8.18 9.52 6.29
N ASN A 275 -9.17 8.67 6.03
CA ASN A 275 -9.10 7.71 4.93
C ASN A 275 -10.12 8.11 3.88
N LEU A 276 -9.66 8.93 2.93
CA LEU A 276 -10.50 9.41 1.86
C LEU A 276 -10.90 8.33 0.87
N VAL A 277 -10.13 7.25 0.75
CA VAL A 277 -10.51 6.15 -0.14
C VAL A 277 -10.72 4.92 0.72
N GLN A 278 -11.78 4.15 0.47
CA GLN A 278 -12.02 2.99 1.30
C GLN A 278 -12.91 1.98 0.58
N LYS A 279 -12.31 0.92 0.08
CA LYS A 279 -13.06 -0.10 -0.63
C LYS A 279 -14.41 -0.38 0.02
N ALA A 280 -15.47 -0.15 -0.74
CA ALA A 280 -16.83 -0.37 -0.29
C ALA A 280 -17.09 -1.86 -0.39
N LEU A 281 -17.41 -2.48 0.73
CA LEU A 281 -17.68 -3.91 0.72
C LEU A 281 -19.14 -4.27 0.61
N LYS A 282 -19.39 -5.48 0.11
CA LYS A 282 -20.74 -5.99 -0.02
C LYS A 282 -21.06 -6.41 1.41
N PRO A 283 -21.95 -5.67 2.09
CA PRO A 283 -22.28 -6.04 3.46
C PRO A 283 -22.67 -7.52 3.51
N PRO A 284 -22.29 -8.21 4.59
CA PRO A 284 -22.62 -9.63 4.76
C PRO A 284 -24.06 -9.81 5.22
N PRO A 285 -24.65 -11.00 5.01
CA PRO A 285 -26.02 -11.23 5.44
C PRO A 285 -26.07 -11.34 6.96
N ILE A 286 -27.26 -11.22 7.53
CA ILE A 286 -27.40 -11.33 8.98
C ILE A 286 -28.32 -12.53 9.24
N LYS A 287 -28.22 -13.10 10.44
CA LYS A 287 -29.05 -14.25 10.81
C LYS A 287 -30.33 -13.79 11.50
N LEU A 288 -31.43 -14.45 11.17
CA LEU A 288 -32.74 -14.10 11.71
C LEU A 288 -33.56 -15.26 12.25
N TYR A 289 -34.37 -14.97 13.26
CA TYR A 289 -35.24 -15.97 13.88
C TYR A 289 -36.36 -16.25 12.88
N ARG A 290 -36.16 -17.28 12.06
CA ARG A 290 -37.12 -17.69 11.02
C ARG A 290 -38.59 -17.32 11.21
N GLU A 291 -39.07 -17.34 12.44
CA GLU A 291 -40.46 -17.03 12.70
C GLU A 291 -40.75 -15.54 12.75
N THR A 292 -39.88 -14.77 13.41
CA THR A 292 -40.07 -13.33 13.54
C THR A 292 -39.10 -12.49 12.71
N ASN A 293 -38.29 -13.15 11.89
CA ASN A 293 -37.30 -12.46 11.06
C ASN A 293 -36.60 -11.37 11.86
N GLU A 294 -36.15 -11.75 13.06
CA GLU A 294 -35.49 -10.83 13.96
C GLU A 294 -33.99 -11.08 14.08
N PRO A 295 -33.21 -9.99 14.21
CA PRO A 295 -31.76 -10.07 14.34
C PRO A 295 -31.39 -11.02 15.48
N VAL A 296 -30.24 -11.70 15.36
CA VAL A 296 -29.81 -12.62 16.39
C VAL A 296 -28.35 -12.41 16.78
N LYS A 297 -28.12 -12.00 18.03
CA LYS A 297 -26.76 -11.76 18.50
C LYS A 297 -26.04 -13.10 18.54
N THR A 298 -24.71 -13.05 18.48
CA THR A 298 -23.94 -14.28 18.49
C THR A 298 -22.90 -14.29 19.59
N LYS A 299 -23.15 -15.11 20.60
CA LYS A 299 -22.20 -15.24 21.70
C LYS A 299 -21.23 -16.36 21.33
N THR A 300 -20.03 -16.28 21.88
CA THR A 300 -19.00 -17.27 21.62
C THR A 300 -18.37 -17.73 22.92
N ARG A 301 -18.58 -19.00 23.25
CA ARG A 301 -18.01 -19.53 24.49
C ARG A 301 -17.08 -20.69 24.22
N THR A 302 -15.83 -20.53 24.65
CA THR A 302 -14.83 -21.57 24.51
C THR A 302 -14.87 -22.29 25.82
N PHE A 303 -14.55 -23.57 25.83
CA PHE A 303 -14.54 -24.33 27.07
C PHE A 303 -13.71 -25.58 26.93
N ASN A 304 -13.30 -26.13 28.07
CA ASN A 304 -12.52 -27.36 28.05
C ASN A 304 -13.50 -28.50 27.83
N THR A 305 -13.23 -29.34 26.85
CA THR A 305 -14.09 -30.46 26.51
C THR A 305 -14.22 -31.50 27.61
N SER A 306 -13.11 -31.82 28.27
CA SER A 306 -13.10 -32.82 29.33
C SER A 306 -13.76 -32.43 30.65
N THR A 307 -13.61 -31.17 31.06
CA THR A 307 -14.21 -30.71 32.30
C THR A 307 -15.46 -29.89 32.04
N GLY A 308 -15.86 -29.81 30.78
CA GLY A 308 -17.04 -29.04 30.42
C GLY A 308 -17.04 -27.62 30.98
N GLY A 309 -15.90 -27.22 31.53
CA GLY A 309 -15.78 -25.89 32.10
C GLY A 309 -15.53 -24.77 31.11
N LEU A 310 -16.20 -23.64 31.34
CA LEU A 310 -16.07 -22.47 30.49
C LEU A 310 -14.67 -21.89 30.74
N LEU A 311 -13.94 -21.66 29.66
CA LEU A 311 -12.59 -21.14 29.77
C LEU A 311 -12.47 -19.63 29.87
N LEU A 312 -11.58 -19.21 30.77
CA LEU A 312 -11.29 -17.80 30.98
C LEU A 312 -9.94 -17.54 30.31
N PRO A 313 -9.69 -16.29 29.88
CA PRO A 313 -8.44 -15.93 29.22
C PRO A 313 -7.14 -16.43 29.86
N SER A 314 -7.17 -16.73 31.16
CA SER A 314 -5.97 -17.21 31.84
C SER A 314 -5.91 -18.74 31.94
N ASP A 315 -6.88 -19.41 31.32
CA ASP A 315 -6.92 -20.87 31.33
C ASP A 315 -6.43 -21.42 30.00
N THR A 316 -5.86 -20.52 29.19
CA THR A 316 -5.34 -20.89 27.89
C THR A 316 -4.11 -20.07 27.56
N LYS A 317 -3.13 -20.73 26.95
CA LYS A 317 -1.89 -20.11 26.52
C LYS A 317 -1.84 -20.21 25.00
N ARG A 318 -0.86 -19.55 24.38
CA ARG A 318 -0.71 -19.57 22.92
C ARG A 318 0.34 -20.54 22.43
N SER A 319 0.05 -21.18 21.30
CA SER A 319 0.97 -22.13 20.72
C SER A 319 1.19 -22.01 19.22
N GLN A 320 2.37 -22.46 18.81
CA GLN A 320 2.80 -22.53 17.42
C GLN A 320 3.82 -23.66 17.43
N ILE A 321 3.88 -24.43 16.35
CA ILE A 321 4.81 -25.55 16.28
C ILE A 321 5.66 -25.45 15.03
N TYR A 322 6.92 -25.87 15.14
CA TYR A 322 7.80 -25.86 14.00
C TYR A 322 8.54 -27.18 14.02
N GLY A 323 8.05 -28.13 13.25
CA GLY A 323 8.65 -29.45 13.23
C GLY A 323 8.25 -30.17 14.50
N SER A 324 9.23 -30.57 15.29
CA SER A 324 8.96 -31.25 16.56
C SER A 324 9.31 -30.26 17.66
N ARG A 325 8.81 -29.04 17.53
CA ARG A 325 9.08 -28.02 18.53
C ARG A 325 7.86 -27.13 18.78
N GLN A 326 7.34 -27.16 20.00
CA GLN A 326 6.18 -26.35 20.35
C GLN A 326 6.59 -25.12 21.14
N ILE A 327 6.02 -23.97 20.80
CA ILE A 327 6.37 -22.76 21.51
C ILE A 327 5.14 -22.18 22.14
N ILE A 328 5.22 -21.94 23.45
CA ILE A 328 4.11 -21.41 24.23
C ILE A 328 4.32 -19.99 24.75
N LEU A 329 3.38 -19.10 24.51
CA LEU A 329 3.48 -17.73 25.00
C LEU A 329 2.15 -17.29 25.58
N GLU A 330 2.18 -16.41 26.57
CA GLU A 330 0.93 -15.91 27.13
C GLU A 330 0.37 -15.05 26.02
N LYS A 331 -0.93 -14.77 26.05
CA LYS A 331 -1.50 -13.94 25.00
C LYS A 331 -0.83 -12.57 25.06
N GLU A 332 -0.62 -12.09 26.28
CA GLU A 332 0.01 -10.80 26.49
C GLU A 332 1.34 -10.70 25.75
N GLU A 333 2.01 -11.83 25.59
CA GLU A 333 3.30 -11.84 24.92
C GLU A 333 3.17 -11.82 23.41
N THR A 334 2.14 -12.46 22.88
CA THR A 334 1.95 -12.45 21.45
C THR A 334 1.87 -10.99 21.02
N GLU A 335 1.24 -10.16 21.83
CA GLU A 335 1.13 -8.74 21.49
C GLU A 335 2.42 -8.01 21.84
N GLU A 336 3.03 -8.40 22.95
CA GLU A 336 4.27 -7.79 23.41
C GLU A 336 5.34 -7.75 22.34
N LEU A 337 5.42 -8.80 21.53
CA LEU A 337 6.43 -8.88 20.48
C LEU A 337 6.18 -8.07 19.21
N LYS A 338 5.18 -7.20 19.22
CA LYS A 338 4.87 -6.38 18.05
C LYS A 338 5.18 -4.94 18.37
N ARG A 339 5.23 -4.66 19.66
CA ARG A 339 5.45 -3.33 20.15
C ARG A 339 6.78 -2.70 19.79
N PHE A 340 6.74 -1.54 19.15
CA PHE A 340 7.95 -0.80 18.81
C PHE A 340 7.78 0.63 19.28
N ASP A 341 7.24 1.48 18.42
CA ASP A 341 7.01 2.87 18.79
C ASP A 341 5.65 2.91 19.47
N ASP A 342 5.37 3.99 20.20
CA ASP A 342 4.05 4.16 20.80
C ASP A 342 3.31 4.78 19.62
N PRO A 343 1.97 4.75 19.65
CA PRO A 343 1.25 5.34 18.52
C PRO A 343 1.75 6.74 18.10
N GLY A 344 1.62 7.03 16.80
CA GLY A 344 2.06 8.32 16.29
C GLY A 344 2.84 8.26 14.98
N LEU A 345 3.36 9.43 14.60
CA LEU A 345 4.13 9.63 13.39
C LEU A 345 5.49 10.25 13.73
N MET A 346 6.52 9.44 13.89
CA MET A 346 7.84 9.99 14.20
C MET A 346 8.51 10.56 12.96
N LEU A 347 8.96 11.81 13.02
CA LEU A 347 9.62 12.40 11.87
C LEU A 347 11.02 11.83 11.71
N MET A 348 11.35 11.46 10.48
CA MET A 348 12.66 10.88 10.19
C MET A 348 13.50 11.81 9.34
N GLY A 349 12.85 12.77 8.67
CA GLY A 349 13.55 13.70 7.82
C GLY A 349 12.73 14.01 6.57
N PHE A 350 13.33 14.74 5.62
CA PHE A 350 12.63 15.09 4.38
C PHE A 350 13.40 14.57 3.20
N LYS A 351 12.67 14.01 2.26
CA LYS A 351 13.27 13.43 1.08
C LYS A 351 12.61 14.00 -0.16
N PRO A 352 13.42 14.38 -1.17
CA PRO A 352 12.91 14.94 -2.42
C PRO A 352 11.89 14.02 -3.08
N LEU A 353 10.71 14.56 -3.37
CA LEU A 353 9.64 13.78 -3.96
C LEU A 353 10.08 12.86 -5.10
N VAL A 354 11.13 13.23 -5.81
CA VAL A 354 11.62 12.40 -6.92
C VAL A 354 11.89 10.94 -6.53
N LEU A 355 12.47 10.75 -5.35
CA LEU A 355 12.81 9.41 -4.88
C LEU A 355 11.62 8.51 -4.58
N LEU A 356 10.45 9.11 -4.44
CA LEU A 356 9.25 8.34 -4.19
C LEU A 356 8.77 7.89 -5.55
N LYS A 357 8.51 6.60 -5.69
CA LYS A 357 8.09 6.08 -6.98
C LYS A 357 6.66 5.63 -7.04
N LYS A 358 6.01 6.00 -8.13
CA LYS A 358 4.62 5.71 -8.42
C LYS A 358 4.29 4.21 -8.34
N HIS A 359 5.17 3.38 -8.87
CA HIS A 359 4.94 1.95 -8.84
C HIS A 359 5.31 1.33 -7.50
N HIS A 360 5.59 2.17 -6.52
CA HIS A 360 5.97 1.68 -5.19
C HIS A 360 4.77 1.75 -4.27
N TYR A 361 3.59 1.50 -4.84
CA TYR A 361 2.35 1.48 -4.09
C TYR A 361 2.28 0.22 -3.20
N LEU A 362 1.75 0.35 -1.98
CA LEU A 362 1.63 -0.79 -1.08
C LEU A 362 0.21 -0.98 -0.56
N ARG A 363 -0.44 0.12 -0.21
CA ARG A 363 -1.80 0.06 0.32
C ARG A 363 -2.35 1.47 0.20
N PRO A 364 -3.68 1.59 0.11
CA PRO A 364 -4.34 2.90 -0.01
C PRO A 364 -3.70 3.96 0.85
N SER A 365 -3.72 5.21 0.40
CA SER A 365 -3.14 6.29 1.18
C SER A 365 -4.12 6.96 2.14
N LEU A 366 -3.59 7.63 3.15
CA LEU A 366 -4.42 8.32 4.11
C LEU A 366 -4.24 9.83 3.92
N PHE A 367 -5.02 10.63 4.64
CA PHE A 367 -4.93 12.10 4.54
C PHE A 367 -4.61 12.66 5.91
N VAL A 368 -3.63 13.55 5.96
CA VAL A 368 -3.23 14.13 7.23
C VAL A 368 -3.58 15.60 7.28
N TYR A 369 -4.39 15.97 8.27
CA TYR A 369 -4.83 17.34 8.47
C TYR A 369 -4.56 17.65 9.94
N PRO A 370 -4.32 18.92 10.27
CA PRO A 370 -4.05 19.29 11.67
C PRO A 370 -5.28 19.16 12.54
N GLU A 371 -5.08 18.84 13.80
CA GLU A 371 -6.18 18.69 14.75
C GLU A 371 -6.04 19.69 15.89
N GLU A 372 -6.26 20.95 15.57
CA GLU A 372 -6.15 22.07 16.51
C GLU A 372 -6.79 21.86 17.90
N SER A 373 -7.79 20.98 18.00
CA SER A 373 -8.49 20.72 19.26
C SER A 373 -7.65 20.14 20.41
N LEU A 374 -6.73 19.23 20.07
CA LEU A 374 -5.91 18.60 21.09
C LEU A 374 -4.71 19.47 21.45
N VAL A 375 -3.85 19.72 20.48
CA VAL A 375 -2.70 20.56 20.72
C VAL A 375 -2.88 21.85 19.93
N ILE A 376 -3.06 22.95 20.65
CA ILE A 376 -3.25 24.22 20.00
C ILE A 376 -1.94 24.78 19.49
N GLY A 377 -1.96 25.25 18.25
CA GLY A 377 -0.79 25.81 17.61
C GLY A 377 -0.37 24.96 16.43
N SER A 378 -0.90 23.74 16.39
CA SER A 378 -0.59 22.77 15.35
C SER A 378 -0.94 23.28 13.96
N SER A 379 -2.17 23.73 13.78
CA SER A 379 -2.61 24.25 12.48
C SER A 379 -1.55 25.22 11.95
N THR A 380 -0.82 25.85 12.86
CA THR A 380 0.20 26.76 12.41
C THR A 380 1.44 25.97 11.97
N LEU A 381 2.09 25.25 12.88
CA LEU A 381 3.27 24.49 12.51
C LEU A 381 3.03 23.67 11.23
N PHE A 382 1.91 22.94 11.23
CA PHE A 382 1.53 22.10 10.12
C PHE A 382 1.51 22.93 8.83
N SER A 383 0.81 24.05 8.87
CA SER A 383 0.69 24.93 7.72
C SER A 383 2.03 25.38 7.18
N ALA A 384 2.97 25.67 8.08
CA ALA A 384 4.30 26.12 7.66
C ALA A 384 4.98 25.01 6.89
N LEU A 385 4.91 23.81 7.45
CA LEU A 385 5.50 22.64 6.83
C LEU A 385 4.91 22.42 5.45
N LEU A 386 3.58 22.39 5.37
CA LEU A 386 2.95 22.18 4.08
C LEU A 386 3.41 23.22 3.08
N ILE A 387 3.65 24.43 3.56
CA ILE A 387 4.07 25.49 2.66
C ILE A 387 5.49 25.29 2.20
N LYS A 388 6.35 24.85 3.12
CA LYS A 388 7.75 24.65 2.77
C LYS A 388 8.02 23.36 1.99
N CYS A 389 7.26 22.31 2.26
CA CYS A 389 7.46 21.06 1.53
C CYS A 389 7.07 21.24 0.09
N LEU A 390 6.06 22.07 -0.14
CA LEU A 390 5.60 22.34 -1.50
C LEU A 390 6.64 23.16 -2.23
N GLU A 391 7.23 24.14 -1.52
CA GLU A 391 8.26 24.98 -2.10
C GLU A 391 9.50 24.17 -2.45
N LYS A 392 9.89 23.29 -1.54
CA LYS A 392 11.07 22.47 -1.77
C LYS A 392 10.84 21.14 -2.49
N GLU A 393 9.59 20.82 -2.80
CA GLU A 393 9.25 19.58 -3.49
C GLU A 393 9.87 18.42 -2.72
N VAL A 394 9.45 18.31 -1.47
CA VAL A 394 10.00 17.28 -0.64
C VAL A 394 8.89 16.76 0.26
N ALA A 395 8.94 15.47 0.56
CA ALA A 395 7.95 14.87 1.43
C ALA A 395 8.63 14.57 2.77
N ALA A 396 7.85 14.50 3.83
CA ALA A 396 8.43 14.23 5.14
C ALA A 396 8.28 12.75 5.44
N LEU A 397 9.41 12.09 5.65
CA LEU A 397 9.50 10.66 5.93
C LEU A 397 9.28 10.37 7.41
N CYS A 398 8.29 9.54 7.73
CA CYS A 398 7.98 9.24 9.11
C CYS A 398 7.81 7.76 9.42
N ARG A 399 8.04 7.40 10.69
CA ARG A 399 7.86 6.04 11.14
C ARG A 399 6.48 6.06 11.75
N TYR A 400 5.52 5.52 11.00
CA TYR A 400 4.12 5.48 11.39
C TYR A 400 3.73 4.26 12.23
N THR A 401 2.94 4.50 13.28
CA THR A 401 2.45 3.46 14.20
C THR A 401 1.00 3.84 14.54
N PRO A 402 0.00 3.15 13.96
CA PRO A 402 -1.42 3.42 14.20
C PRO A 402 -1.83 3.33 15.67
N ARG A 403 -2.13 2.11 16.12
CA ARG A 403 -2.51 1.88 17.51
C ARG A 403 -1.36 1.27 18.29
N ARG A 404 -1.63 0.87 19.52
CA ARG A 404 -0.62 0.28 20.38
C ARG A 404 -0.22 -1.10 19.85
N ASN A 405 0.98 -1.56 20.19
CA ASN A 405 1.47 -2.87 19.79
C ASN A 405 1.42 -3.19 18.30
N ILE A 406 2.06 -2.39 17.48
CA ILE A 406 2.04 -2.66 16.06
C ILE A 406 3.33 -2.22 15.42
N PRO A 407 3.96 -3.12 14.66
CA PRO A 407 5.23 -2.80 14.00
C PRO A 407 5.11 -1.51 13.24
N PRO A 408 6.18 -0.73 13.19
CA PRO A 408 6.08 0.54 12.47
C PRO A 408 6.20 0.33 10.98
N TYR A 409 5.83 1.36 10.24
CA TYR A 409 5.91 1.34 8.80
C TYR A 409 6.43 2.70 8.40
N PHE A 410 7.38 2.76 7.49
CA PHE A 410 7.86 4.05 7.06
C PHE A 410 6.87 4.56 6.03
N VAL A 411 6.42 5.80 6.21
CA VAL A 411 5.49 6.38 5.25
C VAL A 411 6.05 7.71 4.74
N ALA A 412 5.45 8.21 3.68
CA ALA A 412 5.89 9.49 3.13
C ALA A 412 4.73 10.44 3.21
N LEU A 413 4.94 11.58 3.86
CA LEU A 413 3.88 12.55 3.95
C LEU A 413 4.13 13.46 2.79
N VAL A 414 3.37 13.25 1.72
CA VAL A 414 3.53 14.05 0.52
C VAL A 414 2.66 15.29 0.58
N PRO A 415 3.30 16.46 0.42
CA PRO A 415 2.61 17.75 0.46
C PRO A 415 1.54 17.82 -0.61
N GLN A 416 0.36 18.29 -0.24
CA GLN A 416 -0.77 18.38 -1.15
C GLN A 416 -1.49 19.73 -1.15
N GLU A 417 -1.37 20.45 -2.27
CA GLU A 417 -2.00 21.76 -2.43
C GLU A 417 -3.49 21.69 -2.71
N GLU A 418 -4.24 22.66 -2.18
CA GLU A 418 -5.67 22.68 -2.41
C GLU A 418 -6.00 23.01 -3.84
N GLU A 419 -7.11 22.46 -4.32
CA GLU A 419 -7.56 22.67 -5.68
C GLU A 419 -9.09 22.69 -5.75
N LEU A 420 -9.65 23.70 -6.42
CA LEU A 420 -11.10 23.82 -6.58
C LEU A 420 -11.37 23.80 -8.09
N ASP A 421 -12.52 23.31 -8.50
CA ASP A 421 -12.82 23.27 -9.93
C ASP A 421 -13.68 24.48 -10.33
N ASP A 422 -14.28 24.44 -11.52
CA ASP A 422 -15.09 25.56 -11.99
C ASP A 422 -16.32 25.84 -11.14
N GLN A 423 -16.90 24.80 -10.55
CA GLN A 423 -18.08 24.99 -9.71
C GLN A 423 -17.69 25.32 -8.26
N LYS A 424 -16.41 25.60 -8.04
CA LYS A 424 -15.85 25.92 -6.73
C LYS A 424 -15.92 24.72 -5.78
N ILE A 425 -16.16 23.54 -6.32
CA ILE A 425 -16.21 22.31 -5.53
C ILE A 425 -14.76 21.95 -5.22
N GLN A 426 -14.47 21.61 -3.95
CA GLN A 426 -13.10 21.27 -3.57
C GLN A 426 -12.70 19.87 -4.03
N VAL A 427 -11.93 19.82 -5.11
CA VAL A 427 -11.45 18.56 -5.69
C VAL A 427 -10.34 17.89 -4.89
N THR A 428 -9.38 18.66 -4.41
CA THR A 428 -8.27 18.12 -3.65
C THR A 428 -8.01 18.99 -2.41
N PRO A 429 -8.21 18.42 -1.22
CA PRO A 429 -7.98 19.21 -0.01
C PRO A 429 -6.53 19.61 0.26
N PRO A 430 -6.32 20.54 1.21
CA PRO A 430 -4.95 20.95 1.53
C PRO A 430 -4.48 20.05 2.69
N GLY A 431 -3.18 19.77 2.74
CA GLY A 431 -2.65 18.93 3.80
C GLY A 431 -1.65 17.94 3.24
N PHE A 432 -1.47 16.82 3.92
CA PHE A 432 -0.51 15.79 3.48
C PHE A 432 -1.09 14.43 3.15
N GLN A 433 -0.60 13.87 2.05
CA GLN A 433 -1.02 12.54 1.63
C GLN A 433 -0.06 11.60 2.37
N LEU A 434 -0.61 10.76 3.25
CA LEU A 434 0.19 9.81 3.99
C LEU A 434 0.36 8.60 3.07
N VAL A 435 1.59 8.36 2.63
CA VAL A 435 1.85 7.27 1.70
C VAL A 435 2.72 6.17 2.29
N PHE A 436 2.21 4.95 2.29
CA PHE A 436 2.99 3.83 2.79
C PHE A 436 4.07 3.46 1.80
N LEU A 437 5.26 3.15 2.31
CA LEU A 437 6.38 2.73 1.50
C LEU A 437 6.58 1.28 1.87
N PRO A 438 6.93 0.43 0.89
CA PRO A 438 7.12 -1.00 1.16
C PRO A 438 8.45 -1.33 1.80
N PHE A 439 8.49 -2.42 2.56
CA PHE A 439 9.74 -2.86 3.16
C PHE A 439 10.34 -3.76 2.09
N ALA A 440 11.60 -4.15 2.28
CA ALA A 440 12.25 -5.01 1.30
C ALA A 440 11.38 -6.24 1.01
N ASP A 441 10.76 -6.81 2.05
CA ASP A 441 9.92 -7.99 1.91
C ASP A 441 8.69 -7.77 1.02
N ASP A 442 8.28 -6.53 0.83
CA ASP A 442 7.10 -6.26 0.03
C ASP A 442 7.43 -6.15 -1.46
N LYS A 443 8.71 -6.02 -1.78
CA LYS A 443 9.16 -5.97 -3.16
C LYS A 443 9.39 -7.41 -3.60
N ARG A 444 9.02 -7.73 -4.83
CA ARG A 444 9.25 -9.08 -5.37
C ARG A 444 10.02 -8.82 -6.64
N LYS A 445 11.33 -9.08 -6.63
CA LYS A 445 12.10 -8.84 -7.86
C LYS A 445 11.72 -9.76 -9.00
N MET A 446 12.09 -9.35 -10.21
CA MET A 446 11.76 -10.16 -11.37
C MET A 446 12.88 -10.36 -12.37
N PRO A 447 13.02 -11.61 -12.84
CA PRO A 447 14.04 -12.00 -13.82
C PRO A 447 13.47 -11.43 -15.11
N PHE A 448 14.30 -11.29 -16.12
CA PHE A 448 13.86 -10.71 -17.38
C PHE A 448 14.41 -11.56 -18.51
N THR A 449 13.80 -11.43 -19.68
CA THR A 449 14.31 -12.15 -20.83
C THR A 449 15.11 -11.03 -21.49
N GLU A 450 15.23 -11.03 -22.81
CA GLU A 450 15.96 -9.95 -23.46
C GLU A 450 14.98 -8.87 -23.88
N LYS A 451 15.44 -7.62 -23.84
CA LYS A 451 14.58 -6.50 -24.22
C LYS A 451 14.43 -6.43 -25.74
N ILE A 452 13.19 -6.48 -26.22
CA ILE A 452 12.90 -6.40 -27.65
C ILE A 452 12.02 -5.18 -27.89
N MET A 453 12.68 -4.06 -28.20
CA MET A 453 12.05 -2.76 -28.43
C MET A 453 11.34 -2.56 -29.77
N ALA A 454 10.26 -1.79 -29.74
CA ALA A 454 9.49 -1.52 -30.95
C ALA A 454 10.15 -0.42 -31.76
N THR A 455 9.78 -0.33 -33.04
CA THR A 455 10.35 0.68 -33.91
C THR A 455 9.50 1.93 -33.94
N PRO A 456 10.12 3.07 -34.20
CA PRO A 456 9.39 4.35 -34.26
C PRO A 456 8.16 4.35 -35.16
N GLU A 457 8.12 3.49 -36.18
CA GLU A 457 6.95 3.44 -37.04
C GLU A 457 5.78 2.78 -36.31
N GLN A 458 6.11 1.79 -35.47
CA GLN A 458 5.09 1.08 -34.73
C GLN A 458 4.54 1.95 -33.60
N VAL A 459 5.43 2.47 -32.77
CA VAL A 459 5.05 3.37 -31.70
C VAL A 459 4.08 4.38 -32.32
N GLY A 460 4.43 4.83 -33.53
CA GLY A 460 3.61 5.77 -34.27
C GLY A 460 2.17 5.31 -34.37
N LYS A 461 1.94 4.15 -34.96
CA LYS A 461 0.56 3.67 -35.10
C LYS A 461 -0.16 3.49 -33.76
N MET A 462 0.59 3.11 -32.73
CA MET A 462 -0.04 2.93 -31.43
C MET A 462 -0.43 4.29 -30.87
N LYS A 463 0.44 5.28 -31.04
CA LYS A 463 0.13 6.62 -30.56
C LYS A 463 -1.20 7.06 -31.12
N ALA A 464 -1.35 6.88 -32.42
CA ALA A 464 -2.59 7.25 -33.12
C ALA A 464 -3.78 6.57 -32.44
N ILE A 465 -3.66 5.27 -32.18
CA ILE A 465 -4.72 4.51 -31.53
C ILE A 465 -5.02 5.06 -30.14
N VAL A 466 -3.96 5.38 -29.40
CA VAL A 466 -4.15 5.91 -28.06
C VAL A 466 -4.98 7.19 -28.10
N GLU A 467 -4.69 8.08 -29.05
CA GLU A 467 -5.45 9.31 -29.11
C GLU A 467 -6.90 9.17 -29.53
N LYS A 468 -7.20 8.22 -30.40
CA LYS A 468 -8.60 8.07 -30.78
C LYS A 468 -9.39 7.63 -29.57
N LEU A 469 -8.74 6.97 -28.61
CA LEU A 469 -9.43 6.46 -27.43
C LEU A 469 -9.20 7.30 -26.17
N ARG A 470 -8.87 8.57 -26.39
CA ARG A 470 -8.63 9.50 -25.30
C ARG A 470 -9.94 9.73 -24.56
N PHE A 471 -9.86 10.23 -23.33
CA PHE A 471 -11.03 10.53 -22.53
C PHE A 471 -10.57 11.07 -21.19
N THR A 472 -11.46 11.78 -20.51
CA THR A 472 -11.12 12.39 -19.24
C THR A 472 -11.44 11.50 -18.05
N TYR A 473 -10.41 11.08 -17.32
CA TYR A 473 -10.65 10.23 -16.18
C TYR A 473 -10.90 11.07 -14.93
N ARG A 474 -11.89 10.66 -14.16
CA ARG A 474 -12.25 11.34 -12.93
C ARG A 474 -12.56 10.18 -11.95
N SER A 475 -12.10 10.27 -10.72
CA SER A 475 -12.31 9.17 -9.77
C SER A 475 -13.75 8.70 -9.55
N ASP A 476 -14.73 9.55 -9.81
CA ASP A 476 -16.12 9.13 -9.59
C ASP A 476 -16.74 8.59 -10.88
N SER A 477 -15.88 8.21 -11.82
CA SER A 477 -16.30 7.69 -13.13
C SER A 477 -17.08 6.39 -13.16
N PHE A 478 -16.64 5.39 -12.42
CA PHE A 478 -17.32 4.11 -12.46
C PHE A 478 -17.94 3.64 -11.18
N GLU A 479 -19.09 2.98 -11.30
CA GLU A 479 -19.76 2.42 -10.14
C GLU A 479 -19.31 0.97 -10.08
N ASN A 480 -19.34 0.40 -8.87
CA ASN A 480 -18.93 -0.98 -8.67
C ASN A 480 -20.04 -1.91 -9.16
N PRO A 481 -19.79 -2.64 -10.26
CA PRO A 481 -20.69 -3.60 -10.93
C PRO A 481 -21.45 -4.50 -9.97
N VAL A 482 -20.70 -5.12 -9.07
CA VAL A 482 -21.25 -6.05 -8.10
C VAL A 482 -22.13 -5.38 -7.05
N LEU A 483 -21.61 -4.35 -6.39
CA LEU A 483 -22.40 -3.68 -5.37
C LEU A 483 -23.72 -3.24 -5.97
N GLN A 484 -23.67 -2.62 -7.14
CA GLN A 484 -24.87 -2.18 -7.81
C GLN A 484 -25.84 -3.34 -7.93
N GLN A 485 -25.41 -4.39 -8.60
CA GLN A 485 -26.23 -5.58 -8.79
C GLN A 485 -26.90 -6.02 -7.49
N HIS A 486 -26.07 -6.22 -6.47
CA HIS A 486 -26.54 -6.66 -5.16
C HIS A 486 -27.66 -5.78 -4.65
N PHE A 487 -27.34 -4.53 -4.34
CA PHE A 487 -28.34 -3.62 -3.82
C PHE A 487 -29.51 -3.33 -4.73
N ARG A 488 -29.31 -3.44 -6.04
CA ARG A 488 -30.40 -3.18 -6.94
C ARG A 488 -31.42 -4.32 -6.73
N ASN A 489 -30.92 -5.55 -6.65
CA ASN A 489 -31.77 -6.69 -6.41
C ASN A 489 -32.41 -6.58 -5.05
N LEU A 490 -31.56 -6.30 -4.06
CA LEU A 490 -31.99 -6.18 -2.68
C LEU A 490 -33.14 -5.20 -2.58
N GLU A 491 -33.11 -4.15 -3.38
CA GLU A 491 -34.17 -3.16 -3.35
C GLU A 491 -35.43 -3.79 -3.91
N ALA A 492 -35.33 -4.29 -5.14
CA ALA A 492 -36.45 -4.93 -5.81
C ALA A 492 -37.15 -5.88 -4.85
N LEU A 493 -36.38 -6.64 -4.09
CA LEU A 493 -36.97 -7.59 -3.14
C LEU A 493 -37.65 -6.94 -1.95
N ALA A 494 -36.98 -5.96 -1.35
CA ALA A 494 -37.55 -5.27 -0.21
C ALA A 494 -38.83 -4.58 -0.62
N LEU A 495 -38.98 -4.36 -1.93
CA LEU A 495 -40.17 -3.72 -2.47
C LEU A 495 -41.12 -4.70 -3.15
N ASP A 496 -40.96 -5.98 -2.83
CA ASP A 496 -41.81 -7.02 -3.40
C ASP A 496 -42.02 -6.72 -4.88
N LEU A 497 -41.01 -6.14 -5.52
CA LEU A 497 -41.10 -5.80 -6.93
C LEU A 497 -41.10 -7.04 -7.79
N MET A 498 -41.74 -6.94 -8.95
CA MET A 498 -41.83 -8.05 -9.89
C MET A 498 -40.46 -8.70 -10.14
N GLU A 499 -39.48 -7.87 -10.47
CA GLU A 499 -38.13 -8.36 -10.72
C GLU A 499 -37.16 -7.20 -10.43
N PRO A 500 -35.87 -7.48 -10.47
CA PRO A 500 -34.86 -6.44 -10.21
C PRO A 500 -34.44 -5.67 -11.45
N GLU A 501 -33.68 -4.61 -11.23
CA GLU A 501 -33.19 -3.76 -12.32
C GLU A 501 -31.73 -4.11 -12.66
N GLN A 502 -31.53 -4.96 -13.67
CA GLN A 502 -30.19 -5.37 -14.09
C GLN A 502 -29.39 -4.13 -14.49
N ALA A 503 -28.49 -3.69 -13.62
CA ALA A 503 -27.67 -2.52 -13.88
C ALA A 503 -26.94 -2.64 -15.23
N VAL A 504 -26.28 -1.56 -15.61
CA VAL A 504 -25.51 -1.53 -16.86
C VAL A 504 -24.05 -1.39 -16.48
N ASP A 505 -23.27 -2.42 -16.74
CA ASP A 505 -21.86 -2.40 -16.40
C ASP A 505 -21.08 -1.37 -17.20
N LEU A 506 -20.75 -0.25 -16.56
CA LEU A 506 -20.01 0.81 -17.23
C LEU A 506 -18.54 0.41 -17.30
N THR A 507 -18.13 -0.46 -16.40
CA THR A 507 -16.74 -0.89 -16.38
C THR A 507 -16.38 -1.67 -17.64
N LEU A 508 -17.40 -2.14 -18.35
CA LEU A 508 -17.14 -2.88 -19.58
C LEU A 508 -16.73 -1.92 -20.69
N PRO A 509 -15.85 -2.37 -21.59
CA PRO A 509 -15.38 -1.53 -22.70
C PRO A 509 -16.43 -1.42 -23.79
N LYS A 510 -16.68 -0.20 -24.23
CA LYS A 510 -17.65 0.06 -25.28
C LYS A 510 -16.97 -0.36 -26.58
N VAL A 511 -17.04 -1.66 -26.85
CA VAL A 511 -16.41 -2.25 -28.02
C VAL A 511 -16.82 -1.69 -29.38
N GLU A 512 -18.09 -1.87 -29.75
CA GLU A 512 -18.56 -1.38 -31.04
C GLU A 512 -18.06 0.04 -31.25
N ALA A 513 -18.16 0.87 -30.21
CA ALA A 513 -17.72 2.24 -30.30
C ALA A 513 -16.23 2.33 -30.60
N MET A 514 -15.41 1.84 -29.68
CA MET A 514 -13.96 1.85 -29.84
C MET A 514 -13.60 1.40 -31.25
N ASN A 515 -14.21 0.31 -31.68
CA ASN A 515 -13.98 -0.23 -33.01
C ASN A 515 -14.20 0.85 -34.06
N LYS A 516 -15.43 1.34 -34.12
CA LYS A 516 -15.76 2.37 -35.09
C LYS A 516 -14.79 3.54 -35.01
N ARG A 517 -14.54 4.04 -33.81
CA ARG A 517 -13.65 5.18 -33.65
C ARG A 517 -12.19 4.92 -34.08
N LEU A 518 -11.79 3.66 -34.07
CA LEU A 518 -10.43 3.29 -34.46
C LEU A 518 -10.22 3.18 -35.96
N GLY A 519 -11.29 2.91 -36.69
CA GLY A 519 -11.17 2.78 -38.13
C GLY A 519 -10.17 1.72 -38.59
N SER A 520 -9.36 2.10 -39.58
CA SER A 520 -8.36 1.18 -40.14
C SER A 520 -7.11 1.06 -39.28
N LEU A 521 -6.93 1.95 -38.32
CA LEU A 521 -5.74 1.90 -37.46
C LEU A 521 -5.42 0.49 -36.93
N VAL A 522 -6.44 -0.27 -36.53
CA VAL A 522 -6.21 -1.61 -36.04
C VAL A 522 -5.44 -2.36 -37.12
N ASP A 523 -6.14 -2.76 -38.17
CA ASP A 523 -5.54 -3.48 -39.28
C ASP A 523 -4.20 -2.89 -39.73
N GLU A 524 -4.01 -1.59 -39.56
CA GLU A 524 -2.76 -0.98 -39.98
C GLU A 524 -1.68 -1.23 -38.92
N PHE A 525 -2.10 -1.40 -37.67
CA PHE A 525 -1.15 -1.65 -36.58
C PHE A 525 -0.66 -3.09 -36.63
N LYS A 526 -1.58 -4.03 -36.83
CA LYS A 526 -1.20 -5.44 -36.89
C LYS A 526 -0.11 -5.63 -37.93
N GLU A 527 -0.33 -5.05 -39.11
CA GLU A 527 0.62 -5.12 -40.22
C GLU A 527 2.03 -4.77 -39.83
N LEU A 528 2.15 -3.83 -38.90
CA LEU A 528 3.46 -3.38 -38.45
C LEU A 528 4.09 -4.25 -37.38
N VAL A 529 3.28 -5.10 -36.74
CA VAL A 529 3.82 -5.93 -35.68
C VAL A 529 3.52 -7.42 -35.72
N TYR A 530 2.45 -7.84 -36.37
CA TYR A 530 2.14 -9.27 -36.36
C TYR A 530 2.35 -10.01 -37.67
N PRO A 531 3.41 -10.84 -37.76
CA PRO A 531 3.67 -11.58 -38.99
C PRO A 531 2.36 -12.16 -39.51
N PRO A 532 2.24 -12.34 -40.82
CA PRO A 532 1.00 -12.88 -41.39
C PRO A 532 0.56 -14.24 -40.89
N ASP A 533 1.47 -14.98 -40.27
CA ASP A 533 1.13 -16.30 -39.76
C ASP A 533 1.30 -16.33 -38.25
N TYR A 534 0.64 -15.40 -37.56
CA TYR A 534 0.77 -15.34 -36.11
C TYR A 534 -0.37 -16.05 -35.37
N ASN A 535 -0.01 -16.68 -34.24
CA ASN A 535 -0.95 -17.41 -33.37
C ASN A 535 -1.35 -16.49 -32.19
N PRO A 536 -2.14 -15.43 -32.46
CA PRO A 536 -2.61 -14.43 -31.49
C PRO A 536 -3.51 -14.96 -30.38
N GLU A 537 -4.23 -16.03 -30.67
CA GLU A 537 -5.14 -16.62 -29.70
C GLU A 537 -5.12 -18.15 -29.74
N GLY A 538 -4.09 -18.71 -30.36
CA GLY A 538 -3.98 -20.16 -30.47
C GLY A 538 -2.62 -20.64 -29.95
N TYR A 559 37.03 -17.97 -20.22
CA TYR A 559 37.37 -16.57 -19.98
C TYR A 559 36.93 -15.72 -21.17
N SER A 560 35.65 -15.38 -21.23
CA SER A 560 35.12 -14.59 -22.33
C SER A 560 35.63 -13.16 -22.32
N GLU A 561 35.74 -12.59 -23.51
CA GLU A 561 36.23 -11.22 -23.68
C GLU A 561 35.71 -10.26 -22.61
N GLU A 562 34.42 -10.34 -22.33
CA GLU A 562 33.81 -9.47 -21.33
C GLU A 562 34.55 -9.59 -20.01
N GLU A 563 34.50 -10.78 -19.42
CA GLU A 563 35.14 -11.07 -18.15
C GLU A 563 36.55 -10.48 -18.08
N LEU A 564 37.41 -10.95 -18.96
CA LEU A 564 38.80 -10.49 -19.03
C LEU A 564 38.94 -8.98 -19.18
N LYS A 565 38.04 -8.36 -19.92
CA LYS A 565 38.11 -6.91 -20.11
C LYS A 565 37.81 -6.23 -18.78
N THR A 566 36.99 -6.90 -17.96
CA THR A 566 36.60 -6.38 -16.66
C THR A 566 37.73 -6.55 -15.63
N HIS A 567 38.40 -7.70 -15.67
CA HIS A 567 39.50 -7.97 -14.75
C HIS A 567 40.57 -6.91 -14.93
N ILE A 568 40.79 -6.51 -16.19
CA ILE A 568 41.78 -5.50 -16.51
C ILE A 568 41.36 -4.15 -15.95
N SER A 569 40.10 -3.80 -16.13
CA SER A 569 39.59 -2.52 -15.63
C SER A 569 39.66 -2.48 -14.11
N LYS A 570 39.42 -3.61 -13.47
CA LYS A 570 39.43 -3.67 -12.01
C LYS A 570 40.79 -4.05 -11.39
N GLY A 571 41.78 -4.29 -12.25
CA GLY A 571 43.10 -4.64 -11.78
C GLY A 571 43.19 -5.95 -11.03
N THR A 572 42.39 -6.92 -11.46
CA THR A 572 42.39 -8.22 -10.81
C THR A 572 42.99 -9.27 -11.75
N LEU A 573 43.31 -8.87 -12.98
CA LEU A 573 43.90 -9.81 -13.93
C LEU A 573 45.26 -10.24 -13.41
N GLY A 574 46.02 -9.27 -12.89
CA GLY A 574 47.33 -9.56 -12.36
C GLY A 574 47.31 -10.53 -11.19
N LYS A 575 46.12 -10.77 -10.64
CA LYS A 575 45.99 -11.70 -9.52
C LYS A 575 45.76 -13.12 -10.01
N PHE A 576 45.69 -13.27 -11.32
CA PHE A 576 45.50 -14.58 -11.97
C PHE A 576 46.67 -15.54 -11.70
N THR A 577 46.39 -16.83 -11.52
CA THR A 577 47.47 -17.78 -11.32
C THR A 577 47.97 -18.03 -12.75
N VAL A 578 49.20 -18.51 -12.91
CA VAL A 578 49.71 -18.73 -14.26
C VAL A 578 48.89 -19.73 -15.09
N PRO A 579 48.26 -20.71 -14.45
CA PRO A 579 47.47 -21.66 -15.25
C PRO A 579 46.31 -20.91 -15.89
N MET A 580 45.70 -20.04 -15.11
CA MET A 580 44.58 -19.27 -15.59
C MET A 580 45.05 -18.41 -16.76
N LEU A 581 46.28 -17.91 -16.66
CA LEU A 581 46.87 -17.06 -17.71
C LEU A 581 47.11 -17.81 -19.00
N LYS A 582 47.56 -19.06 -18.89
CA LYS A 582 47.80 -19.88 -20.07
C LYS A 582 46.49 -20.11 -20.80
N GLU A 583 45.58 -20.82 -20.13
CA GLU A 583 44.27 -21.13 -20.70
C GLU A 583 43.71 -19.91 -21.41
N ALA A 584 43.89 -18.73 -20.81
CA ALA A 584 43.40 -17.49 -21.39
C ALA A 584 44.11 -17.25 -22.72
N CYS A 585 45.43 -17.33 -22.71
CA CYS A 585 46.19 -17.13 -23.94
C CYS A 585 45.96 -18.26 -24.92
N ARG A 586 45.65 -19.45 -24.41
CA ARG A 586 45.39 -20.59 -25.28
C ARG A 586 44.10 -20.32 -26.05
N ALA A 587 43.11 -19.76 -25.35
CA ALA A 587 41.80 -19.46 -25.91
C ALA A 587 41.82 -18.45 -27.03
N TYR A 588 42.77 -17.51 -26.95
CA TYR A 588 42.91 -16.49 -27.98
C TYR A 588 44.14 -16.84 -28.80
N GLY A 589 44.60 -18.08 -28.61
CA GLY A 589 45.76 -18.59 -29.31
C GLY A 589 46.80 -17.53 -29.62
N LEU A 590 47.05 -16.67 -28.64
CA LEU A 590 48.03 -15.60 -28.84
C LEU A 590 49.38 -15.98 -28.27
N LYS A 591 50.43 -15.42 -28.88
CA LYS A 591 51.81 -15.69 -28.52
C LYS A 591 52.11 -15.37 -27.05
N SER A 592 52.35 -16.43 -26.29
CA SER A 592 52.58 -16.33 -24.86
C SER A 592 54.02 -16.31 -24.32
N GLY A 593 54.23 -17.10 -23.26
CA GLY A 593 55.52 -17.21 -22.60
C GLY A 593 55.54 -18.30 -21.54
N LEU A 594 56.58 -18.28 -20.71
CA LEU A 594 56.76 -19.26 -19.63
C LEU A 594 56.59 -18.50 -18.31
N LYS A 595 56.79 -17.19 -18.37
CA LYS A 595 56.71 -16.30 -17.21
C LYS A 595 55.31 -15.71 -17.06
N LYS A 596 55.00 -15.20 -15.87
CA LYS A 596 53.69 -14.61 -15.61
C LYS A 596 53.57 -13.22 -16.23
N GLN A 597 54.55 -12.37 -15.95
CA GLN A 597 54.53 -11.02 -16.50
C GLN A 597 54.28 -11.10 -18.00
N GLU A 598 54.85 -12.12 -18.64
CA GLU A 598 54.66 -12.26 -20.07
C GLU A 598 53.17 -12.41 -20.35
N LEU A 599 52.61 -13.53 -19.91
CA LEU A 599 51.19 -13.79 -20.13
C LEU A 599 50.36 -12.58 -19.73
N LEU A 600 50.80 -11.88 -18.70
CA LEU A 600 50.08 -10.69 -18.24
C LEU A 600 50.15 -9.58 -19.29
N GLU A 601 51.36 -9.29 -19.77
CA GLU A 601 51.54 -8.23 -20.77
C GLU A 601 50.73 -8.57 -22.01
N ALA A 602 50.86 -9.81 -22.47
CA ALA A 602 50.15 -10.27 -23.67
C ALA A 602 48.65 -10.01 -23.58
N LEU A 603 47.96 -10.78 -22.75
CA LEU A 603 46.52 -10.64 -22.60
C LEU A 603 46.00 -9.21 -22.50
N THR A 604 46.73 -8.35 -21.78
CA THR A 604 46.31 -6.95 -21.65
C THR A 604 46.41 -6.26 -22.98
N LYS A 605 47.54 -6.51 -23.66
CA LYS A 605 47.79 -5.92 -24.95
C LYS A 605 46.77 -6.43 -25.97
N HIS A 606 46.51 -7.73 -25.96
CA HIS A 606 45.56 -8.29 -26.91
C HIS A 606 44.22 -7.57 -26.92
N PHE A 607 43.82 -7.03 -25.76
CA PHE A 607 42.55 -6.32 -25.68
C PHE A 607 42.65 -4.79 -25.84
N GLN A 608 43.30 -4.15 -24.88
CA GLN A 608 43.47 -2.71 -24.90
C GLN A 608 44.37 -2.19 -26.00
N ASP A 609 45.53 -2.84 -26.19
CA ASP A 609 46.51 -2.40 -27.20
C ASP A 609 46.41 -3.07 -28.59
N ASN B 6 12.65 -24.69 -6.57
CA ASN B 6 11.91 -25.52 -5.58
C ASN B 6 12.76 -25.87 -4.34
N LYS B 7 14.06 -26.14 -4.53
CA LYS B 7 14.94 -26.48 -3.42
C LYS B 7 16.32 -25.88 -3.64
N ALA B 8 16.94 -25.41 -2.55
CA ALA B 8 18.28 -24.83 -2.63
C ALA B 8 19.17 -25.47 -1.58
N ALA B 9 20.45 -25.66 -1.91
CA ALA B 9 21.39 -26.23 -0.96
C ALA B 9 22.37 -25.11 -0.63
N VAL B 10 22.34 -24.67 0.61
CA VAL B 10 23.22 -23.57 0.99
C VAL B 10 24.26 -23.95 2.04
N VAL B 11 25.51 -23.60 1.78
CA VAL B 11 26.58 -23.87 2.74
C VAL B 11 27.06 -22.57 3.34
N LEU B 12 26.93 -22.47 4.65
CA LEU B 12 27.38 -21.28 5.36
C LEU B 12 28.78 -21.56 5.84
N CYS B 13 29.76 -21.07 5.09
CA CYS B 13 31.16 -21.25 5.46
C CYS B 13 31.54 -20.09 6.42
N MET B 14 31.60 -20.38 7.71
CA MET B 14 31.90 -19.34 8.68
C MET B 14 33.29 -19.32 9.26
N ASP B 15 33.95 -18.18 9.14
CA ASP B 15 35.28 -18.01 9.69
C ASP B 15 35.16 -17.91 11.21
N VAL B 16 35.94 -18.72 11.93
CA VAL B 16 35.91 -18.71 13.38
C VAL B 16 37.31 -18.51 13.92
N GLY B 17 38.22 -18.16 13.02
CA GLY B 17 39.60 -17.93 13.37
C GLY B 17 39.81 -16.97 14.52
N PHE B 18 41.03 -16.95 15.05
CA PHE B 18 41.35 -16.10 16.16
C PHE B 18 41.08 -14.62 15.95
N THR B 19 41.58 -14.06 14.85
CA THR B 19 41.37 -12.64 14.62
C THR B 19 39.90 -12.24 14.54
N MET B 20 39.02 -13.22 14.36
CA MET B 20 37.60 -12.93 14.30
C MET B 20 37.14 -12.42 15.66
N SER B 21 37.90 -12.78 16.70
CA SER B 21 37.55 -12.36 18.05
C SER B 21 38.07 -10.97 18.45
N ASN B 22 39.10 -10.50 17.75
CA ASN B 22 39.67 -9.18 18.01
C ASN B 22 38.53 -8.23 18.24
N SER B 23 38.53 -7.57 19.38
CA SER B 23 37.45 -6.64 19.69
C SER B 23 37.89 -5.20 19.96
N ILE B 24 37.47 -4.31 19.08
CA ILE B 24 37.73 -2.88 19.21
C ILE B 24 36.69 -2.32 20.19
N PRO B 25 37.11 -1.45 21.12
CA PRO B 25 36.16 -0.88 22.09
C PRO B 25 34.84 -0.43 21.49
N GLY B 26 33.74 -0.91 22.07
CA GLY B 26 32.41 -0.52 21.61
C GLY B 26 31.83 -1.24 20.40
N ILE B 27 32.68 -1.64 19.47
CA ILE B 27 32.26 -2.33 18.25
C ILE B 27 32.25 -3.85 18.38
N GLU B 28 31.13 -4.49 18.07
CA GLU B 28 31.04 -5.94 18.14
C GLU B 28 32.13 -6.54 17.24
N SER B 29 32.72 -7.64 17.69
CA SER B 29 33.79 -8.26 16.92
C SER B 29 33.27 -8.99 15.70
N PRO B 30 34.13 -9.17 14.68
CA PRO B 30 33.69 -9.87 13.48
C PRO B 30 32.93 -11.15 13.81
N PHE B 31 33.41 -11.91 14.78
CA PHE B 31 32.77 -13.16 15.16
C PHE B 31 31.34 -12.95 15.62
N GLU B 32 31.12 -11.92 16.43
CA GLU B 32 29.77 -11.65 16.93
C GLU B 32 28.82 -11.15 15.86
N GLN B 33 29.36 -10.40 14.90
CA GLN B 33 28.55 -9.88 13.82
C GLN B 33 28.17 -11.04 12.93
N ALA B 34 29.15 -11.85 12.56
CA ALA B 34 28.89 -12.99 11.70
C ALA B 34 27.86 -13.88 12.37
N LYS B 35 28.01 -14.07 13.66
CA LYS B 35 27.08 -14.90 14.39
C LYS B 35 25.68 -14.29 14.23
N LYS B 36 25.58 -12.96 14.26
CA LYS B 36 24.27 -12.32 14.10
C LYS B 36 23.69 -12.55 12.69
N VAL B 37 24.49 -12.29 11.67
CA VAL B 37 24.03 -12.49 10.32
C VAL B 37 23.61 -13.93 10.10
N ILE B 38 24.47 -14.87 10.49
CA ILE B 38 24.18 -16.28 10.31
C ILE B 38 22.87 -16.72 10.95
N THR B 39 22.62 -16.21 12.14
CA THR B 39 21.39 -16.53 12.85
C THR B 39 20.19 -15.91 12.17
N MET B 40 20.39 -14.77 11.54
CA MET B 40 19.30 -14.10 10.87
C MET B 40 18.84 -14.99 9.71
N PHE B 41 19.82 -15.65 9.07
CA PHE B 41 19.54 -16.54 7.93
C PHE B 41 18.81 -17.78 8.40
N VAL B 42 19.41 -18.49 9.34
CA VAL B 42 18.82 -19.72 9.84
C VAL B 42 17.43 -19.48 10.47
N GLN B 43 17.27 -18.42 11.26
CA GLN B 43 15.96 -18.15 11.83
C GLN B 43 14.90 -18.14 10.73
N ARG B 44 15.13 -17.29 9.73
CA ARG B 44 14.20 -17.15 8.61
C ARG B 44 13.87 -18.52 8.00
N GLN B 45 14.89 -19.30 7.70
CA GLN B 45 14.67 -20.61 7.08
C GLN B 45 13.83 -21.55 7.93
N VAL B 46 13.96 -21.42 9.24
CA VAL B 46 13.25 -22.29 10.16
C VAL B 46 11.79 -21.94 10.42
N PHE B 47 11.53 -20.72 10.90
CA PHE B 47 10.17 -20.29 11.19
C PHE B 47 9.36 -20.06 9.92
N ALA B 48 10.03 -19.98 8.77
CA ALA B 48 9.35 -19.81 7.51
C ALA B 48 8.99 -21.20 6.97
N GLU B 49 9.71 -22.20 7.47
CA GLU B 49 9.50 -23.60 7.10
C GLU B 49 9.97 -23.99 5.72
N ASN B 50 10.93 -23.22 5.20
CA ASN B 50 11.44 -23.53 3.88
C ASN B 50 12.20 -24.85 3.93
N LYS B 51 12.11 -25.64 2.85
CA LYS B 51 12.79 -26.92 2.79
C LYS B 51 14.15 -26.83 2.10
N ASP B 52 14.73 -25.64 2.13
CA ASP B 52 16.05 -25.42 1.56
C ASP B 52 17.00 -26.09 2.58
N GLU B 53 17.96 -26.87 2.11
CA GLU B 53 18.88 -27.53 3.04
C GLU B 53 20.12 -26.70 3.33
N ILE B 54 20.58 -26.77 4.56
CA ILE B 54 21.72 -25.96 4.98
C ILE B 54 22.82 -26.71 5.68
N ALA B 55 24.05 -26.48 5.21
CA ALA B 55 25.23 -27.08 5.80
C ALA B 55 26.04 -25.94 6.39
N LEU B 56 26.77 -26.20 7.46
CA LEU B 56 27.58 -25.17 8.10
C LEU B 56 29.04 -25.62 8.21
N VAL B 57 29.94 -24.92 7.54
CA VAL B 57 31.35 -25.25 7.61
C VAL B 57 32.03 -24.23 8.50
N LEU B 58 33.09 -24.63 9.16
CA LEU B 58 33.81 -23.72 10.04
C LEU B 58 35.29 -23.86 9.75
N PHE B 59 35.98 -22.74 9.66
CA PHE B 59 37.40 -22.81 9.43
C PHE B 59 38.05 -21.92 10.44
N GLY B 60 39.04 -22.48 11.13
CA GLY B 60 39.72 -21.74 12.18
C GLY B 60 39.46 -22.45 13.49
N THR B 61 38.82 -23.60 13.40
CA THR B 61 38.55 -24.39 14.57
C THR B 61 39.87 -24.95 15.08
N ASP B 62 39.95 -25.26 16.37
CA ASP B 62 41.19 -25.81 16.90
C ASP B 62 41.45 -27.20 16.33
N GLY B 63 40.41 -27.97 16.07
CA GLY B 63 40.58 -29.29 15.51
C GLY B 63 40.27 -29.37 14.03
N THR B 64 40.35 -30.57 13.46
CA THR B 64 40.06 -30.78 12.04
C THR B 64 39.03 -31.87 11.87
N ASP B 65 37.90 -31.52 11.26
CA ASP B 65 36.84 -32.49 11.05
C ASP B 65 36.20 -32.28 9.68
N ASN B 66 36.82 -32.81 8.64
CA ASN B 66 36.26 -32.64 7.32
C ASN B 66 36.74 -33.71 6.36
N PRO B 67 35.87 -34.11 5.43
CA PRO B 67 36.10 -35.14 4.42
C PRO B 67 37.45 -35.11 3.71
N LEU B 68 38.01 -33.92 3.49
CA LEU B 68 39.27 -33.80 2.78
C LEU B 68 40.53 -33.74 3.63
N SER B 69 40.38 -33.84 4.95
CA SER B 69 41.50 -33.75 5.88
C SER B 69 42.56 -34.85 5.78
N GLY B 70 42.35 -35.83 4.93
CA GLY B 70 43.33 -36.89 4.81
C GLY B 70 44.74 -36.41 4.44
N GLY B 71 45.64 -36.40 5.41
CA GLY B 71 47.02 -36.00 5.14
C GLY B 71 47.47 -34.61 5.57
N ASP B 72 47.07 -34.18 6.77
CA ASP B 72 47.49 -32.89 7.27
C ASP B 72 47.24 -31.76 6.25
N GLN B 73 46.05 -31.79 5.63
CA GLN B 73 45.66 -30.78 4.66
C GLN B 73 44.28 -30.31 5.06
N TYR B 74 43.84 -29.19 4.48
CA TYR B 74 42.53 -28.66 4.84
C TYR B 74 42.38 -28.76 6.35
N GLN B 75 43.45 -28.41 7.07
CA GLN B 75 43.47 -28.46 8.53
C GLN B 75 42.70 -27.31 9.14
N ASN B 76 42.16 -27.53 10.33
CA ASN B 76 41.41 -26.52 11.05
C ASN B 76 40.11 -26.10 10.38
N ILE B 77 39.60 -26.96 9.51
CA ILE B 77 38.35 -26.71 8.82
C ILE B 77 37.40 -27.79 9.31
N THR B 78 36.25 -27.38 9.82
CA THR B 78 35.27 -28.31 10.35
C THR B 78 33.91 -28.20 9.70
N VAL B 79 33.38 -29.35 9.28
CA VAL B 79 32.05 -29.36 8.71
C VAL B 79 31.13 -29.63 9.90
N HIS B 80 30.84 -28.58 10.66
CA HIS B 80 29.97 -28.65 11.83
C HIS B 80 28.60 -29.25 11.54
N ARG B 81 28.07 -28.96 10.36
CA ARG B 81 26.75 -29.44 9.99
C ARG B 81 26.67 -29.78 8.53
N HIS B 82 26.30 -31.03 8.25
CA HIS B 82 26.16 -31.48 6.86
C HIS B 82 24.81 -31.04 6.33
N LEU B 83 24.64 -31.15 5.01
CA LEU B 83 23.41 -30.75 4.34
C LEU B 83 22.14 -31.36 4.87
N MET B 84 21.18 -30.52 5.26
CA MET B 84 19.93 -31.03 5.79
C MET B 84 19.10 -29.86 6.28
N LEU B 85 17.80 -30.06 6.37
CA LEU B 85 16.92 -29.01 6.82
C LEU B 85 17.50 -28.38 8.07
N PRO B 86 17.22 -27.11 8.31
CA PRO B 86 17.77 -26.51 9.51
C PRO B 86 16.74 -26.67 10.59
N ASP B 87 17.20 -26.92 11.82
CA ASP B 87 16.32 -27.11 12.96
C ASP B 87 16.83 -26.27 14.11
N PHE B 88 16.13 -26.30 15.24
CA PHE B 88 16.53 -25.52 16.41
C PHE B 88 17.87 -25.96 16.95
N ASP B 89 18.21 -27.23 16.73
CA ASP B 89 19.48 -27.75 17.21
C ASP B 89 20.61 -27.05 16.49
N LEU B 90 20.34 -26.51 15.30
CA LEU B 90 21.38 -25.76 14.58
C LEU B 90 21.43 -24.38 15.18
N LEU B 91 20.26 -23.82 15.48
CA LEU B 91 20.21 -22.50 16.04
C LEU B 91 20.89 -22.45 17.41
N GLU B 92 20.58 -23.42 18.27
CA GLU B 92 21.19 -23.45 19.59
C GLU B 92 22.71 -23.60 19.46
N ASP B 93 23.16 -24.32 18.44
CA ASP B 93 24.59 -24.50 18.22
C ASP B 93 25.26 -23.16 17.89
N ILE B 94 24.56 -22.30 17.14
CA ILE B 94 25.10 -21.00 16.75
C ILE B 94 25.24 -20.03 17.93
N GLU B 95 24.23 -19.98 18.80
CA GLU B 95 24.32 -19.09 19.96
C GLU B 95 25.38 -19.64 20.90
N SER B 96 24.96 -20.64 21.67
CA SER B 96 25.78 -21.32 22.65
C SER B 96 26.88 -22.10 21.94
N LYS B 97 26.91 -23.42 22.14
CA LYS B 97 27.89 -24.32 21.57
C LYS B 97 29.09 -23.72 20.81
N ILE B 98 28.95 -23.42 19.52
CA ILE B 98 30.06 -22.87 18.72
C ILE B 98 30.70 -21.59 19.26
N GLN B 99 32.02 -21.61 19.44
CA GLN B 99 32.78 -20.46 19.95
C GLN B 99 34.00 -20.15 19.06
N PRO B 100 34.67 -19.02 19.31
CA PRO B 100 35.85 -18.57 18.55
C PRO B 100 37.07 -19.48 18.71
N GLY B 101 37.84 -19.60 17.63
CA GLY B 101 39.01 -20.45 17.65
C GLY B 101 40.33 -19.79 17.97
N SER B 102 41.41 -20.59 17.93
CA SER B 102 42.76 -20.10 18.21
C SER B 102 43.60 -20.19 16.95
N GLN B 103 43.14 -20.98 15.99
CA GLN B 103 43.87 -21.15 14.75
C GLN B 103 43.35 -20.27 13.63
N GLN B 104 44.03 -20.32 12.49
CA GLN B 104 43.65 -19.52 11.34
C GLN B 104 43.70 -20.39 10.10
N ALA B 105 42.55 -20.91 9.68
CA ALA B 105 42.48 -21.78 8.52
C ALA B 105 42.67 -21.02 7.22
N ASP B 106 43.11 -21.74 6.20
CA ASP B 106 43.33 -21.17 4.87
C ASP B 106 41.92 -20.90 4.32
N PHE B 107 41.57 -19.63 4.14
CA PHE B 107 40.23 -19.28 3.68
C PHE B 107 39.74 -19.95 2.37
N LEU B 108 40.62 -20.14 1.39
CA LEU B 108 40.20 -20.81 0.15
C LEU B 108 40.03 -22.31 0.40
N ASP B 109 40.81 -22.84 1.33
CA ASP B 109 40.71 -24.25 1.68
C ASP B 109 39.29 -24.48 2.21
N ALA B 110 38.82 -23.57 3.06
CA ALA B 110 37.47 -23.68 3.62
C ALA B 110 36.48 -23.72 2.47
N LEU B 111 36.63 -22.76 1.55
CA LEU B 111 35.78 -22.69 0.39
C LEU B 111 35.73 -24.06 -0.30
N ILE B 112 36.91 -24.61 -0.60
CA ILE B 112 36.94 -25.90 -1.25
C ILE B 112 36.15 -26.94 -0.44
N VAL B 113 36.38 -26.99 0.87
CA VAL B 113 35.65 -27.95 1.70
C VAL B 113 34.16 -27.67 1.58
N SER B 114 33.82 -26.39 1.53
CA SER B 114 32.43 -25.99 1.41
C SER B 114 31.85 -26.46 0.08
N MET B 115 32.65 -26.35 -0.98
CA MET B 115 32.22 -26.77 -2.31
C MET B 115 32.03 -28.26 -2.33
N ASP B 116 32.88 -28.97 -1.59
CA ASP B 116 32.81 -30.41 -1.52
C ASP B 116 31.54 -30.87 -0.81
N VAL B 117 31.08 -30.12 0.18
CA VAL B 117 29.87 -30.53 0.85
C VAL B 117 28.78 -30.52 -0.19
N ILE B 118 28.66 -29.44 -0.95
CA ILE B 118 27.63 -29.39 -1.97
C ILE B 118 27.76 -30.54 -2.95
N GLN B 119 28.84 -30.52 -3.72
CA GLN B 119 29.08 -31.53 -4.73
C GLN B 119 28.66 -32.95 -4.36
N HIS B 120 29.28 -33.49 -3.33
CA HIS B 120 29.00 -34.87 -2.90
C HIS B 120 27.64 -35.08 -2.26
N GLU B 121 27.24 -34.18 -1.36
CA GLU B 121 25.96 -34.31 -0.67
C GLU B 121 24.73 -33.93 -1.47
N THR B 122 24.90 -33.57 -2.75
CA THR B 122 23.74 -33.22 -3.55
C THR B 122 23.40 -34.28 -4.59
N ILE B 123 24.32 -35.20 -4.84
CA ILE B 123 24.13 -36.27 -5.83
C ILE B 123 22.74 -36.93 -5.81
N GLY B 124 22.40 -37.52 -4.68
CA GLY B 124 21.12 -38.19 -4.59
C GLY B 124 19.89 -37.29 -4.51
N LYS B 125 20.09 -35.98 -4.42
CA LYS B 125 18.95 -35.07 -4.30
C LYS B 125 18.68 -34.19 -5.52
N LYS B 126 17.63 -33.37 -5.43
CA LYS B 126 17.29 -32.49 -6.54
C LYS B 126 17.21 -31.06 -6.02
N PHE B 127 18.27 -30.29 -6.27
CA PHE B 127 18.31 -28.90 -5.86
C PHE B 127 18.25 -28.03 -7.10
N GLU B 128 17.64 -26.86 -6.96
CA GLU B 128 17.50 -25.95 -8.07
C GLU B 128 18.65 -24.95 -8.06
N LYS B 129 19.19 -24.69 -6.87
CA LYS B 129 20.31 -23.77 -6.70
C LYS B 129 21.25 -24.22 -5.61
N ARG B 130 22.56 -24.19 -5.89
CA ARG B 130 23.56 -24.52 -4.89
C ARG B 130 24.24 -23.17 -4.64
N HIS B 131 24.30 -22.77 -3.38
CA HIS B 131 24.87 -21.48 -3.04
C HIS B 131 25.76 -21.58 -1.82
N ILE B 132 26.80 -20.75 -1.79
CA ILE B 132 27.72 -20.71 -0.66
C ILE B 132 27.88 -19.29 -0.13
N GLU B 133 27.86 -19.17 1.19
CA GLU B 133 28.03 -17.87 1.83
C GLU B 133 29.20 -17.96 2.78
N ILE B 134 30.21 -17.12 2.55
CA ILE B 134 31.40 -17.11 3.40
C ILE B 134 31.43 -15.84 4.23
N PHE B 135 31.72 -15.99 5.51
CA PHE B 135 31.80 -14.81 6.39
C PHE B 135 33.20 -14.88 6.96
N THR B 136 34.00 -13.85 6.71
CA THR B 136 35.38 -13.86 7.18
C THR B 136 35.95 -12.46 7.17
N ASP B 137 37.09 -12.28 7.83
CA ASP B 137 37.75 -10.98 7.87
C ASP B 137 38.98 -11.01 6.95
N LEU B 138 39.13 -12.09 6.19
CA LEU B 138 40.26 -12.20 5.28
C LEU B 138 41.57 -11.79 5.95
N SER B 139 41.70 -12.09 7.24
CA SER B 139 42.88 -11.69 7.97
C SER B 139 44.17 -12.49 7.77
N SER B 140 44.06 -13.75 7.36
CA SER B 140 45.25 -14.58 7.22
C SER B 140 45.72 -15.01 5.83
N ARG B 141 46.79 -15.78 5.83
CA ARG B 141 47.42 -16.30 4.62
C ARG B 141 46.58 -17.41 3.97
N PHE B 142 46.89 -17.68 2.70
CA PHE B 142 46.20 -18.71 1.94
C PHE B 142 46.99 -19.02 0.68
N SER B 143 46.77 -20.20 0.11
CA SER B 143 47.46 -20.57 -1.11
C SER B 143 46.62 -20.29 -2.35
N LYS B 144 47.14 -19.47 -3.26
CA LYS B 144 46.43 -19.14 -4.49
C LYS B 144 46.40 -20.33 -5.46
N SER B 145 47.18 -21.36 -5.14
CA SER B 145 47.30 -22.56 -5.99
C SER B 145 46.01 -23.26 -6.38
N GLN B 146 44.99 -23.17 -5.53
CA GLN B 146 43.73 -23.84 -5.80
C GLN B 146 42.78 -23.07 -6.70
N LEU B 147 42.92 -21.75 -6.69
CA LEU B 147 42.09 -20.84 -7.50
C LEU B 147 41.70 -21.44 -8.84
N ASP B 148 42.68 -22.01 -9.51
CA ASP B 148 42.48 -22.63 -10.80
C ASP B 148 41.27 -23.59 -10.73
N ILE B 149 41.38 -24.63 -9.91
CA ILE B 149 40.32 -25.62 -9.77
C ILE B 149 39.04 -25.02 -9.19
N ILE B 150 39.20 -24.20 -8.17
CA ILE B 150 38.07 -23.57 -7.50
C ILE B 150 37.08 -22.91 -8.47
N ILE B 151 37.57 -21.95 -9.23
CA ILE B 151 36.71 -21.25 -10.17
C ILE B 151 36.02 -22.19 -11.14
N HIS B 152 36.83 -22.93 -11.89
CA HIS B 152 36.33 -23.86 -12.89
C HIS B 152 35.27 -24.82 -12.34
N SER B 153 35.44 -25.29 -11.11
CA SER B 153 34.45 -26.19 -10.49
C SER B 153 33.17 -25.44 -10.19
N LEU B 154 33.30 -24.26 -9.59
CA LEU B 154 32.12 -23.46 -9.27
C LEU B 154 31.31 -23.27 -10.53
N LYS B 155 31.98 -22.97 -11.64
CA LYS B 155 31.27 -22.76 -12.88
C LYS B 155 30.64 -24.04 -13.39
N LYS B 156 31.41 -25.11 -13.44
CA LYS B 156 30.87 -26.37 -13.92
C LYS B 156 29.73 -26.88 -13.07
N CYS B 157 29.89 -26.83 -11.75
CA CYS B 157 28.85 -27.31 -10.86
C CYS B 157 27.69 -26.35 -10.69
N ASP B 158 27.89 -25.12 -11.11
CA ASP B 158 26.85 -24.09 -11.02
C ASP B 158 26.49 -23.72 -9.58
N ILE B 159 27.53 -23.45 -8.79
CA ILE B 159 27.37 -23.05 -7.40
C ILE B 159 27.59 -21.55 -7.41
N SER B 160 26.65 -20.80 -6.84
CA SER B 160 26.80 -19.35 -6.78
C SER B 160 27.51 -18.95 -5.48
N LEU B 161 27.97 -17.71 -5.40
CA LEU B 161 28.71 -17.27 -4.23
C LEU B 161 28.39 -15.88 -3.66
N GLN B 162 28.71 -15.70 -2.39
CA GLN B 162 28.49 -14.44 -1.65
C GLN B 162 29.49 -14.32 -0.50
N PHE B 163 30.02 -13.12 -0.29
CA PHE B 163 30.97 -12.87 0.78
C PHE B 163 30.46 -11.81 1.78
N PHE B 164 30.62 -12.06 3.07
CA PHE B 164 30.21 -11.11 4.09
C PHE B 164 31.43 -10.82 4.97
N LEU B 165 31.88 -9.57 4.93
CA LEU B 165 33.07 -9.12 5.65
C LEU B 165 32.77 -8.11 6.74
N PRO B 166 33.78 -7.72 7.54
CA PRO B 166 33.65 -6.77 8.64
C PRO B 166 33.71 -5.29 8.19
N PHE B 167 33.80 -5.10 6.87
CA PHE B 167 33.87 -3.76 6.31
C PHE B 167 33.27 -3.76 4.91
N SER B 168 33.23 -2.61 4.26
CA SER B 168 32.68 -2.52 2.92
C SER B 168 33.77 -2.24 1.92
N LEU B 169 33.43 -2.20 0.64
CA LEU B 169 34.42 -1.94 -0.38
C LEU B 169 34.76 -0.45 -0.49
N PRO B 182 30.08 7.49 15.34
CA PRO B 182 30.11 6.21 16.08
C PRO B 182 29.47 5.07 15.29
N PHE B 183 30.12 3.91 15.30
CA PHE B 183 29.66 2.70 14.59
C PHE B 183 28.37 2.18 15.21
N ARG B 184 27.34 2.02 14.38
CA ARG B 184 26.03 1.52 14.80
C ARG B 184 25.76 0.25 14.01
N LEU B 185 25.72 -0.89 14.68
CA LEU B 185 25.47 -2.12 13.95
C LEU B 185 24.10 -2.04 13.27
N GLY B 186 24.11 -2.23 11.95
CA GLY B 186 22.89 -2.18 11.18
C GLY B 186 22.46 -0.76 10.81
N GLY B 187 23.32 0.21 11.12
CA GLY B 187 22.99 1.59 10.81
C GLY B 187 23.23 1.97 9.38
N HIS B 188 22.98 3.24 9.09
CA HIS B 188 23.15 3.80 7.75
C HIS B 188 24.24 4.86 7.76
N GLY B 189 25.38 4.58 8.36
CA GLY B 189 26.45 5.56 8.42
C GLY B 189 27.76 5.13 7.73
N PHE B 192 35.15 1.53 7.74
CA PHE B 192 36.58 1.30 7.95
C PHE B 192 37.32 1.54 6.64
N PRO B 193 38.07 2.65 6.56
CA PRO B 193 38.82 2.98 5.35
C PRO B 193 39.52 1.72 4.85
N LEU B 194 39.59 1.47 3.52
CA LEU B 194 40.30 0.28 3.02
C LEU B 194 41.79 0.46 3.33
N LYS B 195 42.11 1.57 4.01
CA LYS B 195 43.46 1.92 4.44
C LYS B 195 43.63 1.41 5.89
N GLY B 196 42.53 1.37 6.64
CA GLY B 196 42.57 0.88 8.01
C GLY B 196 42.56 -0.63 8.15
N ILE B 197 42.54 -1.35 7.03
CA ILE B 197 42.56 -2.81 7.10
C ILE B 197 44.01 -3.27 6.91
N THR B 198 44.36 -4.45 7.41
CA THR B 198 45.71 -4.96 7.29
C THR B 198 46.10 -5.18 5.83
N GLU B 199 47.39 -5.39 5.55
CA GLU B 199 47.79 -5.62 4.17
C GLU B 199 47.37 -7.01 3.73
N GLN B 200 47.32 -7.96 4.68
CA GLN B 200 46.91 -9.32 4.37
C GLN B 200 45.46 -9.28 3.96
N GLN B 201 44.67 -8.55 4.73
CA GLN B 201 43.26 -8.41 4.42
C GLN B 201 43.14 -7.86 3.02
N LYS B 202 43.94 -6.85 2.68
CA LYS B 202 43.90 -6.25 1.35
C LYS B 202 44.18 -7.28 0.25
N GLU B 203 45.12 -8.18 0.51
CA GLU B 203 45.48 -9.19 -0.47
C GLU B 203 44.37 -10.22 -0.65
N GLY B 204 43.72 -10.58 0.47
CA GLY B 204 42.64 -11.54 0.39
C GLY B 204 41.51 -10.93 -0.39
N LEU B 205 41.24 -9.66 -0.11
CA LEU B 205 40.17 -8.98 -0.78
C LEU B 205 40.34 -8.95 -2.30
N GLU B 206 41.59 -8.87 -2.77
CA GLU B 206 41.87 -8.84 -4.20
C GLU B 206 41.50 -10.17 -4.83
N ILE B 207 41.74 -11.25 -4.10
CA ILE B 207 41.41 -12.58 -4.60
C ILE B 207 39.89 -12.77 -4.52
N VAL B 208 39.26 -12.19 -3.50
CA VAL B 208 37.81 -12.32 -3.39
C VAL B 208 37.23 -11.54 -4.56
N LYS B 209 37.66 -10.29 -4.69
CA LYS B 209 37.19 -9.43 -5.77
C LYS B 209 37.36 -10.13 -7.11
N MET B 210 38.49 -10.78 -7.32
CA MET B 210 38.69 -11.47 -8.59
C MET B 210 37.66 -12.55 -8.78
N VAL B 211 37.68 -13.52 -7.87
CA VAL B 211 36.77 -14.65 -7.91
C VAL B 211 35.35 -14.23 -8.25
N MET B 212 34.84 -13.21 -7.58
CA MET B 212 33.49 -12.76 -7.91
C MET B 212 33.39 -12.19 -9.33
N ILE B 213 34.44 -11.54 -9.83
CA ILE B 213 34.38 -10.99 -11.17
C ILE B 213 34.35 -12.12 -12.20
N SER B 214 35.10 -13.18 -11.96
CA SER B 214 35.12 -14.33 -12.87
C SER B 214 33.79 -15.09 -12.85
N LEU B 215 33.07 -15.02 -11.74
CA LEU B 215 31.81 -15.73 -11.61
C LEU B 215 30.61 -14.95 -12.13
N GLU B 216 30.56 -13.65 -11.87
CA GLU B 216 29.42 -12.83 -12.30
C GLU B 216 29.80 -11.54 -13.03
N GLY B 217 31.10 -11.29 -13.15
CA GLY B 217 31.54 -10.09 -13.82
C GLY B 217 31.44 -8.89 -12.89
N GLU B 218 31.21 -7.72 -13.47
CA GLU B 218 31.11 -6.47 -12.71
C GLU B 218 30.17 -6.57 -11.52
N ASP B 219 28.92 -6.93 -11.79
CA ASP B 219 27.88 -7.07 -10.77
C ASP B 219 28.31 -7.95 -9.61
N GLY B 220 29.23 -8.87 -9.90
CA GLY B 220 29.71 -9.75 -8.87
C GLY B 220 30.26 -9.00 -7.67
N LEU B 221 30.78 -7.81 -7.91
CA LEU B 221 31.32 -7.01 -6.81
C LEU B 221 30.23 -6.59 -5.83
N ASP B 222 28.97 -6.67 -6.26
CA ASP B 222 27.82 -6.29 -5.43
C ASP B 222 27.41 -7.49 -4.58
N GLU B 223 28.21 -8.55 -4.63
CA GLU B 223 27.97 -9.75 -3.87
C GLU B 223 28.95 -9.86 -2.71
N ILE B 224 29.57 -8.73 -2.36
CA ILE B 224 30.51 -8.64 -1.26
C ILE B 224 29.90 -7.62 -0.32
N TYR B 225 29.36 -8.09 0.79
CA TYR B 225 28.72 -7.20 1.75
C TYR B 225 29.46 -7.09 3.07
N SER B 226 28.98 -6.20 3.93
CA SER B 226 29.54 -6.03 5.25
C SER B 226 28.49 -6.63 6.19
N PHE B 227 28.91 -7.19 7.31
CA PHE B 227 27.97 -7.80 8.24
C PHE B 227 26.88 -6.84 8.61
N SER B 228 27.27 -5.61 8.93
CA SER B 228 26.32 -4.57 9.34
C SER B 228 25.23 -4.27 8.31
N GLU B 229 25.62 -4.07 7.04
CA GLU B 229 24.62 -3.77 6.03
C GLU B 229 23.78 -5.00 5.72
N SER B 230 24.30 -6.18 6.08
CA SER B 230 23.56 -7.40 5.86
C SER B 230 22.43 -7.55 6.84
N LEU B 231 22.52 -6.85 7.96
CA LEU B 231 21.46 -6.95 8.94
C LEU B 231 20.24 -6.18 8.50
N ARG B 232 20.47 -5.11 7.71
CA ARG B 232 19.39 -4.27 7.21
C ARG B 232 19.04 -4.51 5.76
N LYS B 233 19.32 -5.72 5.29
CA LYS B 233 19.04 -6.11 3.92
C LYS B 233 18.61 -7.58 3.89
N LEU B 234 18.11 -8.03 2.74
CA LEU B 234 17.71 -9.42 2.63
C LEU B 234 18.68 -10.13 1.70
N CYS B 235 19.80 -9.47 1.41
CA CYS B 235 20.82 -10.00 0.51
C CYS B 235 21.25 -11.44 0.77
N VAL B 236 21.16 -11.93 2.01
CA VAL B 236 21.57 -13.30 2.26
C VAL B 236 20.62 -14.28 1.64
N PHE B 237 19.38 -13.83 1.38
CA PHE B 237 18.34 -14.68 0.81
C PHE B 237 18.23 -14.50 -0.71
N LYS B 238 18.95 -13.50 -1.22
CA LYS B 238 18.94 -13.18 -2.63
C LYS B 238 18.96 -14.41 -3.55
N LYS B 239 20.03 -15.19 -3.50
CA LYS B 239 20.15 -16.35 -4.37
C LYS B 239 19.21 -17.52 -4.15
N ILE B 240 18.23 -17.38 -3.27
CA ILE B 240 17.32 -18.50 -3.05
C ILE B 240 15.85 -18.14 -2.95
N GLU B 241 15.49 -16.96 -3.43
CA GLU B 241 14.11 -16.58 -3.38
C GLU B 241 13.37 -17.37 -4.45
N ARG B 242 12.14 -17.77 -4.13
CA ARG B 242 11.31 -18.53 -5.05
C ARG B 242 10.61 -17.55 -6.01
N HIS B 243 10.96 -17.62 -7.28
CA HIS B 243 10.36 -16.77 -8.30
C HIS B 243 8.82 -16.88 -8.21
N SER B 244 8.13 -15.79 -8.50
CA SER B 244 6.65 -15.75 -8.45
C SER B 244 6.07 -16.16 -9.81
N ILE B 245 5.01 -16.96 -9.80
CA ILE B 245 4.41 -17.40 -11.06
C ILE B 245 3.63 -16.30 -11.79
N HIS B 246 3.63 -16.40 -13.11
CA HIS B 246 2.98 -15.42 -13.96
C HIS B 246 1.49 -15.67 -14.16
N TRP B 247 0.80 -14.60 -14.57
CA TRP B 247 -0.62 -14.60 -14.84
C TRP B 247 -0.71 -14.33 -16.33
N PRO B 248 -1.28 -15.28 -17.09
CA PRO B 248 -1.42 -15.16 -18.54
C PRO B 248 -2.76 -14.56 -18.96
N CYS B 249 -2.73 -13.61 -19.87
CA CYS B 249 -3.97 -13.00 -20.33
C CYS B 249 -3.73 -12.19 -21.59
N ARG B 250 -4.83 -11.72 -22.19
CA ARG B 250 -4.76 -10.92 -23.40
C ARG B 250 -5.15 -9.48 -23.11
N LEU B 251 -4.25 -8.55 -23.36
CA LEU B 251 -4.59 -7.15 -23.17
C LEU B 251 -5.35 -6.79 -24.44
N THR B 252 -6.63 -6.41 -24.30
CA THR B 252 -7.42 -6.10 -25.48
C THR B 252 -7.84 -4.63 -25.65
N ILE B 253 -7.80 -4.17 -26.90
CA ILE B 253 -8.17 -2.80 -27.24
C ILE B 253 -9.23 -2.95 -28.31
N GLY B 254 -10.48 -2.71 -27.92
CA GLY B 254 -11.57 -2.88 -28.85
C GLY B 254 -11.74 -4.39 -28.90
N SER B 255 -12.37 -4.91 -29.94
CA SER B 255 -12.54 -6.35 -30.02
C SER B 255 -11.70 -6.91 -31.16
N ASN B 256 -10.86 -6.07 -31.77
CA ASN B 256 -10.02 -6.52 -32.87
C ASN B 256 -8.52 -6.44 -32.68
N LEU B 257 -8.07 -5.91 -31.55
CA LEU B 257 -6.64 -5.83 -31.30
C LEU B 257 -6.38 -6.65 -30.05
N SER B 258 -5.41 -7.55 -30.12
CA SER B 258 -5.12 -8.39 -28.96
C SER B 258 -3.64 -8.61 -28.76
N ILE B 259 -3.21 -8.50 -27.52
CA ILE B 259 -1.81 -8.67 -27.17
C ILE B 259 -1.64 -9.61 -25.99
N ARG B 260 -0.96 -10.72 -26.23
CA ARG B 260 -0.71 -11.71 -25.19
C ARG B 260 0.28 -11.18 -24.15
N ILE B 261 -0.17 -11.12 -22.90
CA ILE B 261 0.66 -10.61 -21.81
C ILE B 261 0.82 -11.61 -20.66
N ALA B 262 1.72 -11.28 -19.74
CA ALA B 262 1.99 -12.10 -18.56
C ALA B 262 2.16 -11.11 -17.41
N ALA B 263 1.45 -11.30 -16.31
CA ALA B 263 1.54 -10.36 -15.18
C ALA B 263 2.22 -10.96 -13.96
N TYR B 264 2.99 -10.13 -13.27
CA TYR B 264 3.71 -10.56 -12.10
C TYR B 264 3.45 -9.60 -10.95
N LYS B 265 3.21 -10.15 -9.75
CA LYS B 265 3.00 -9.34 -8.56
C LYS B 265 4.30 -8.66 -8.22
N SER B 266 4.42 -7.41 -8.62
CA SER B 266 5.61 -6.61 -8.38
C SER B 266 5.69 -6.22 -6.90
N ILE B 267 4.56 -5.78 -6.35
CA ILE B 267 4.48 -5.39 -4.94
C ILE B 267 3.30 -6.10 -4.29
N LEU B 268 3.55 -6.67 -3.12
CA LEU B 268 2.55 -7.42 -2.36
C LEU B 268 3.07 -7.47 -0.94
N GLN B 269 2.32 -6.96 0.02
CA GLN B 269 2.80 -6.97 1.39
C GLN B 269 2.97 -8.34 2.02
N GLU B 270 4.17 -8.61 2.54
CA GLU B 270 4.45 -9.88 3.17
C GLU B 270 3.83 -9.85 4.55
N ARG B 271 3.26 -10.97 4.96
CA ARG B 271 2.62 -11.02 6.26
C ARG B 271 3.03 -12.22 7.08
N VAL B 272 2.82 -12.12 8.39
CA VAL B 272 3.12 -13.20 9.31
C VAL B 272 2.25 -14.36 8.85
N LYS B 273 2.87 -15.45 8.43
CA LYS B 273 2.10 -16.56 7.93
C LYS B 273 1.43 -17.43 8.99
N LYS B 274 2.22 -17.99 9.90
CA LYS B 274 1.72 -18.88 10.96
C LYS B 274 0.86 -18.14 11.98
N THR B 275 -0.12 -18.83 12.55
CA THR B 275 -0.98 -18.22 13.56
C THR B 275 -0.85 -18.87 14.94
N TRP B 276 -1.25 -18.13 15.96
CA TRP B 276 -1.17 -18.62 17.34
C TRP B 276 -2.35 -19.52 17.65
N THR B 277 -2.07 -20.77 18.00
CA THR B 277 -3.14 -21.71 18.32
C THR B 277 -3.48 -21.65 19.80
N VAL B 278 -4.77 -21.54 20.12
CA VAL B 278 -5.18 -21.51 21.53
C VAL B 278 -5.14 -22.93 22.10
N VAL B 279 -4.43 -23.08 23.21
CA VAL B 279 -4.33 -24.36 23.87
C VAL B 279 -4.63 -24.22 25.34
N ASP B 280 -4.72 -25.37 26.02
CA ASP B 280 -4.99 -25.38 27.44
C ASP B 280 -3.72 -25.04 28.20
N ALA B 281 -3.84 -24.18 29.20
CA ALA B 281 -2.69 -23.76 30.00
C ALA B 281 -1.83 -24.90 30.54
N LYS B 282 -2.37 -26.12 30.58
CA LYS B 282 -1.58 -27.23 31.10
C LYS B 282 -1.30 -28.34 30.09
N THR B 283 -2.35 -28.94 29.52
CA THR B 283 -2.11 -29.99 28.53
C THR B 283 -1.38 -29.38 27.34
N LEU B 284 -1.61 -28.09 27.12
CA LEU B 284 -0.99 -27.39 26.00
C LEU B 284 -1.50 -28.03 24.70
N LYS B 285 -2.67 -28.65 24.79
CA LYS B 285 -3.28 -29.32 23.64
C LYS B 285 -4.42 -28.51 23.05
N LYS B 286 -4.77 -28.79 21.80
CA LYS B 286 -5.85 -28.05 21.18
C LYS B 286 -7.14 -28.83 21.37
N GLU B 287 -7.09 -30.13 21.07
CA GLU B 287 -8.23 -31.03 21.18
C GLU B 287 -9.18 -30.73 22.35
N ASP B 288 -8.61 -30.59 23.53
CA ASP B 288 -9.37 -30.32 24.75
C ASP B 288 -10.18 -29.01 24.67
N ILE B 289 -9.73 -28.08 23.83
CA ILE B 289 -10.36 -26.76 23.68
C ILE B 289 -11.40 -26.65 22.56
N GLN B 290 -12.58 -26.13 22.87
CA GLN B 290 -13.57 -25.96 21.82
C GLN B 290 -14.50 -24.76 21.98
N LYS B 291 -14.57 -23.96 20.93
CA LYS B 291 -15.40 -22.77 20.90
C LYS B 291 -16.79 -23.16 20.40
N GLU B 292 -17.82 -22.76 21.13
CA GLU B 292 -19.18 -23.08 20.71
C GLU B 292 -19.95 -21.79 20.49
N THR B 293 -20.20 -21.48 19.22
CA THR B 293 -20.94 -20.28 18.84
C THR B 293 -22.45 -20.59 18.71
N VAL B 294 -23.25 -19.97 19.57
CA VAL B 294 -24.71 -20.19 19.57
C VAL B 294 -25.50 -18.90 19.26
N TYR B 295 -26.77 -19.05 18.91
CA TYR B 295 -27.63 -17.92 18.56
C TYR B 295 -28.91 -17.82 19.41
N CYS B 296 -29.30 -16.59 19.73
CA CYS B 296 -30.49 -16.30 20.55
C CYS B 296 -31.09 -14.92 20.24
N LEU B 297 -32.36 -14.73 20.60
CA LEU B 297 -33.06 -13.44 20.37
C LEU B 297 -32.31 -12.26 20.95
N ASN B 298 -31.96 -11.31 20.09
CA ASN B 298 -31.20 -10.10 20.44
C ASN B 298 -31.76 -9.19 21.53
N ASP B 299 -33.07 -8.96 21.53
CA ASP B 299 -33.70 -8.11 22.53
C ASP B 299 -34.02 -8.98 23.75
N ASP B 300 -34.46 -8.37 24.85
CA ASP B 300 -34.81 -9.10 26.09
C ASP B 300 -35.59 -10.40 25.79
N ASP B 301 -35.89 -11.17 26.83
CA ASP B 301 -36.59 -12.44 26.63
C ASP B 301 -35.73 -13.13 25.58
N GLU B 302 -34.44 -13.17 25.90
CA GLU B 302 -33.38 -13.74 25.10
C GLU B 302 -33.48 -15.26 24.97
N THR B 303 -34.45 -15.71 24.19
CA THR B 303 -34.68 -17.13 23.96
C THR B 303 -33.61 -17.65 23.01
N GLU B 304 -33.36 -18.95 23.08
CA GLU B 304 -32.38 -19.56 22.20
C GLU B 304 -33.05 -19.95 20.89
N VAL B 305 -32.26 -20.05 19.82
CA VAL B 305 -32.80 -20.41 18.52
C VAL B 305 -32.09 -21.61 17.93
N LEU B 306 -32.81 -22.37 17.10
CA LEU B 306 -32.26 -23.57 16.48
C LEU B 306 -31.81 -23.33 15.04
N LYS B 307 -30.70 -23.95 14.69
CA LYS B 307 -30.16 -23.84 13.34
C LYS B 307 -31.23 -24.11 12.29
N GLU B 308 -31.94 -25.23 12.43
CA GLU B 308 -32.99 -25.59 11.48
C GLU B 308 -33.93 -24.40 11.31
N ASP B 309 -34.05 -23.59 12.36
CA ASP B 309 -34.93 -22.43 12.36
C ASP B 309 -34.21 -21.08 12.26
N ILE B 310 -33.22 -21.01 11.38
CA ILE B 310 -32.47 -19.77 11.17
C ILE B 310 -32.16 -19.56 9.71
N ILE B 311 -32.56 -18.40 9.20
CA ILE B 311 -32.32 -18.07 7.80
C ILE B 311 -31.40 -16.85 7.73
N GLN B 312 -30.98 -16.54 6.51
CA GLN B 312 -30.11 -15.40 6.31
C GLN B 312 -30.91 -14.33 5.60
N GLY B 313 -30.27 -13.21 5.31
CA GLY B 313 -30.94 -12.13 4.64
C GLY B 313 -30.14 -10.87 4.89
N PHE B 314 -30.21 -9.92 3.96
CA PHE B 314 -29.45 -8.70 4.14
C PHE B 314 -30.31 -7.52 4.51
N ARG B 315 -29.64 -6.46 4.94
CA ARG B 315 -30.31 -5.25 5.32
C ARG B 315 -30.33 -4.35 4.10
N TYR B 316 -31.29 -3.42 4.09
CA TYR B 316 -31.41 -2.44 3.03
C TYR B 316 -32.01 -1.27 3.77
N GLY B 317 -31.16 -0.56 4.49
CA GLY B 317 -31.62 0.56 5.28
C GLY B 317 -32.38 -0.03 6.46
N SER B 318 -33.59 0.45 6.68
CA SER B 318 -34.39 -0.03 7.79
C SER B 318 -35.00 -1.36 7.40
N ASP B 319 -34.99 -1.65 6.11
CA ASP B 319 -35.57 -2.88 5.61
C ASP B 319 -34.68 -4.07 5.92
N ILE B 320 -35.32 -5.24 6.03
CA ILE B 320 -34.63 -6.48 6.30
C ILE B 320 -35.17 -7.46 5.29
N VAL B 321 -34.31 -7.93 4.41
CA VAL B 321 -34.75 -8.82 3.36
C VAL B 321 -34.18 -10.21 3.56
N PRO B 322 -35.04 -11.22 3.68
CA PRO B 322 -34.53 -12.59 3.87
C PRO B 322 -34.01 -13.13 2.53
N PHE B 323 -32.69 -13.12 2.37
CA PHE B 323 -32.02 -13.56 1.16
C PHE B 323 -31.24 -14.85 1.52
N ASP B 327 -34.17 -18.59 -6.88
CA ASP B 327 -34.39 -17.25 -7.42
C ASP B 327 -33.55 -16.25 -6.66
N GLU B 328 -32.75 -16.71 -5.70
CA GLU B 328 -31.97 -15.75 -4.91
C GLU B 328 -30.46 -15.61 -5.15
N GLU B 329 -29.64 -16.49 -4.60
CA GLU B 329 -28.19 -16.38 -4.83
C GLU B 329 -28.01 -16.27 -6.37
N GLN B 330 -28.98 -16.83 -7.10
CA GLN B 330 -29.02 -16.87 -8.54
C GLN B 330 -29.18 -15.50 -9.14
N MET B 331 -29.05 -14.48 -8.29
CA MET B 331 -29.14 -13.08 -8.70
C MET B 331 -27.81 -12.37 -8.45
N LYS B 332 -26.74 -13.15 -8.30
CA LYS B 332 -25.41 -12.59 -8.07
C LYS B 332 -24.84 -12.09 -9.40
N TYR B 333 -23.94 -11.13 -9.32
CA TYR B 333 -23.31 -10.56 -10.50
C TYR B 333 -22.72 -11.64 -11.40
N LYS B 334 -22.89 -11.47 -12.72
CA LYS B 334 -22.36 -12.42 -13.67
C LYS B 334 -21.28 -11.78 -14.51
N SER B 335 -20.05 -12.24 -14.30
CA SER B 335 -18.91 -11.71 -15.05
C SER B 335 -18.50 -12.61 -16.19
N GLU B 336 -18.10 -12.01 -17.30
CA GLU B 336 -17.65 -12.78 -18.45
C GLU B 336 -16.34 -13.51 -18.10
N GLY B 337 -15.89 -13.38 -16.86
CA GLY B 337 -14.67 -14.01 -16.42
C GLY B 337 -13.38 -13.22 -16.59
N LYS B 338 -12.26 -13.93 -16.53
CA LYS B 338 -10.91 -13.37 -16.65
C LYS B 338 -10.77 -12.34 -17.77
N CYS B 339 -10.01 -11.28 -17.51
CA CYS B 339 -9.79 -10.22 -18.50
C CYS B 339 -8.79 -9.15 -18.12
N PHE B 340 -8.46 -8.31 -19.11
CA PHE B 340 -7.55 -7.20 -18.97
C PHE B 340 -7.83 -6.36 -20.20
N SER B 341 -9.04 -5.84 -20.30
CA SER B 341 -9.47 -5.04 -21.43
C SER B 341 -9.35 -3.52 -21.24
N VAL B 342 -8.92 -2.82 -22.28
CA VAL B 342 -8.74 -1.36 -22.21
C VAL B 342 -10.06 -0.58 -22.35
N LEU B 343 -10.24 0.39 -21.46
CA LEU B 343 -11.43 1.21 -21.51
C LEU B 343 -11.12 2.44 -22.32
N GLY B 344 -9.93 2.98 -22.13
CA GLY B 344 -9.50 4.18 -22.83
C GLY B 344 -8.16 4.64 -22.30
N PHE B 345 -7.69 5.79 -22.78
CA PHE B 345 -6.39 6.31 -22.34
C PHE B 345 -6.61 7.72 -21.83
N CYS B 346 -5.63 8.29 -21.14
CA CYS B 346 -5.81 9.64 -20.64
C CYS B 346 -4.54 10.19 -20.04
N LYS B 347 -4.50 11.50 -19.87
CA LYS B 347 -3.34 12.18 -19.31
C LYS B 347 -2.98 11.55 -17.99
N SER B 348 -1.70 11.28 -17.80
CA SER B 348 -1.27 10.66 -16.56
C SER B 348 -1.66 11.47 -15.37
N SER B 349 -1.50 12.78 -15.50
CA SER B 349 -1.81 13.72 -14.43
C SER B 349 -3.21 13.57 -13.81
N GLN B 350 -4.16 13.06 -14.58
CA GLN B 350 -5.51 12.88 -14.08
C GLN B 350 -5.68 11.67 -13.18
N VAL B 351 -4.79 10.68 -13.31
CA VAL B 351 -4.86 9.51 -12.46
C VAL B 351 -3.84 9.73 -11.37
N GLN B 352 -4.29 10.33 -10.27
CA GLN B 352 -3.43 10.63 -9.14
C GLN B 352 -3.19 9.47 -8.19
N ARG B 353 -1.95 9.35 -7.72
CA ARG B 353 -1.55 8.28 -6.82
C ARG B 353 -2.40 8.13 -5.57
N ARG B 354 -2.90 9.25 -5.06
CA ARG B 354 -3.71 9.20 -3.86
C ARG B 354 -5.01 8.42 -4.05
N PHE B 355 -5.25 7.96 -5.27
CA PHE B 355 -6.45 7.19 -5.57
C PHE B 355 -6.12 5.70 -5.67
N PHE B 356 -4.84 5.38 -5.87
CA PHE B 356 -4.43 4.00 -5.98
C PHE B 356 -5.04 3.20 -4.86
N MET B 357 -5.50 2.00 -5.21
CA MET B 357 -6.11 1.13 -4.24
C MET B 357 -5.74 -0.32 -4.46
N GLY B 358 -6.21 -1.18 -3.59
CA GLY B 358 -5.91 -2.59 -3.71
C GLY B 358 -4.69 -2.84 -2.86
N ASN B 359 -4.24 -4.08 -2.84
CA ASN B 359 -3.09 -4.41 -2.02
C ASN B 359 -2.00 -5.11 -2.81
N GLN B 360 -1.84 -4.69 -4.06
CA GLN B 360 -0.84 -5.27 -4.92
C GLN B 360 -0.49 -4.39 -6.10
N VAL B 361 0.64 -4.67 -6.71
CA VAL B 361 1.06 -3.95 -7.89
C VAL B 361 1.48 -5.00 -8.89
N LEU B 362 0.86 -5.02 -10.05
CA LEU B 362 1.21 -6.01 -11.06
C LEU B 362 2.07 -5.39 -12.16
N LYS B 363 3.05 -6.14 -12.64
CA LYS B 363 3.87 -5.69 -13.75
C LYS B 363 3.49 -6.60 -14.90
N VAL B 364 3.02 -5.98 -15.98
CA VAL B 364 2.58 -6.71 -17.16
C VAL B 364 3.63 -6.67 -18.26
N PHE B 365 3.99 -7.87 -18.76
CA PHE B 365 4.96 -8.02 -19.82
C PHE B 365 4.26 -8.82 -20.90
N ALA B 366 4.91 -8.90 -22.05
CA ALA B 366 4.38 -9.69 -23.15
C ALA B 366 4.64 -11.13 -22.81
N ALA B 367 3.72 -11.99 -23.21
CA ALA B 367 3.85 -13.41 -22.96
C ALA B 367 5.30 -13.83 -23.21
N ARG B 368 5.79 -14.78 -22.42
CA ARG B 368 7.16 -15.25 -22.56
C ARG B 368 7.41 -15.89 -23.94
N ASP B 369 8.49 -15.43 -24.58
CA ASP B 369 8.90 -15.92 -25.89
C ASP B 369 7.94 -15.62 -27.03
N ASP B 370 7.32 -14.44 -27.01
CA ASP B 370 6.38 -14.04 -28.05
C ASP B 370 6.85 -12.71 -28.60
N GLU B 371 7.86 -12.75 -29.46
CA GLU B 371 8.42 -11.55 -30.03
C GLU B 371 7.38 -10.60 -30.60
N ALA B 372 6.35 -11.15 -31.26
CA ALA B 372 5.29 -10.33 -31.85
C ALA B 372 4.68 -9.48 -30.75
N ALA B 373 4.19 -10.15 -29.71
CA ALA B 373 3.60 -9.48 -28.57
C ALA B 373 4.61 -8.51 -27.96
N ALA B 374 5.83 -8.98 -27.82
CA ALA B 374 6.87 -8.14 -27.24
C ALA B 374 6.85 -6.78 -27.95
N VAL B 375 6.79 -6.82 -29.27
CA VAL B 375 6.78 -5.60 -30.08
C VAL B 375 5.47 -4.84 -29.91
N ALA B 376 4.37 -5.58 -29.92
CA ALA B 376 3.06 -4.98 -29.77
C ALA B 376 3.01 -4.15 -28.48
N LEU B 377 3.32 -4.79 -27.37
CA LEU B 377 3.32 -4.11 -26.10
C LEU B 377 4.28 -2.92 -26.08
N SER B 378 5.48 -3.11 -26.64
CA SER B 378 6.48 -2.05 -26.67
C SER B 378 5.91 -0.79 -27.28
N SER B 379 5.18 -0.96 -28.38
CA SER B 379 4.54 0.14 -29.07
C SER B 379 3.71 0.89 -28.02
N LEU B 380 2.74 0.18 -27.44
CA LEU B 380 1.87 0.74 -26.44
C LEU B 380 2.64 1.49 -25.35
N ILE B 381 3.57 0.77 -24.71
CA ILE B 381 4.38 1.35 -23.65
C ILE B 381 5.03 2.66 -24.04
N HIS B 382 5.75 2.66 -25.14
CA HIS B 382 6.41 3.87 -25.59
C HIS B 382 5.40 4.90 -26.03
N ALA B 383 4.31 4.41 -26.61
CA ALA B 383 3.25 5.29 -27.06
C ALA B 383 2.73 6.09 -25.86
N LEU B 384 2.62 5.44 -24.70
CA LEU B 384 2.13 6.09 -23.50
C LEU B 384 3.16 7.03 -22.86
N ASP B 385 4.41 6.57 -22.82
CA ASP B 385 5.47 7.36 -22.24
C ASP B 385 5.64 8.67 -23.02
N ASP B 386 5.37 8.59 -24.33
CA ASP B 386 5.47 9.74 -25.23
C ASP B 386 4.38 10.79 -25.02
N LEU B 387 3.16 10.43 -25.40
CA LEU B 387 2.01 11.29 -25.25
C LEU B 387 1.82 11.60 -23.78
N ASP B 388 2.57 10.92 -22.92
CA ASP B 388 2.48 11.08 -21.47
C ASP B 388 1.10 10.72 -20.94
N MET B 389 0.53 9.65 -21.49
CA MET B 389 -0.78 9.21 -21.07
C MET B 389 -0.70 7.86 -20.34
N VAL B 390 -1.85 7.26 -20.10
CA VAL B 390 -1.95 5.98 -19.41
C VAL B 390 -3.26 5.31 -19.82
N ALA B 391 -3.35 4.02 -19.53
CA ALA B 391 -4.54 3.25 -19.85
C ALA B 391 -5.41 2.95 -18.64
N ILE B 392 -6.71 3.20 -18.76
CA ILE B 392 -7.65 2.85 -17.70
C ILE B 392 -8.14 1.50 -18.16
N VAL B 393 -7.99 0.47 -17.34
CA VAL B 393 -8.38 -0.87 -17.74
C VAL B 393 -9.28 -1.60 -16.77
N ARG B 394 -9.97 -2.60 -17.29
CA ARG B 394 -10.87 -3.45 -16.49
C ARG B 394 -10.10 -4.74 -16.23
N TYR B 395 -9.93 -5.07 -14.94
CA TYR B 395 -9.17 -6.25 -14.54
C TYR B 395 -10.01 -7.30 -13.82
N ALA B 396 -9.87 -8.55 -14.25
CA ALA B 396 -10.58 -9.64 -13.62
C ALA B 396 -9.64 -10.86 -13.56
N TYR B 397 -9.22 -11.23 -12.36
CA TYR B 397 -8.30 -12.36 -12.17
C TYR B 397 -8.81 -13.71 -12.72
N ASP B 398 -9.94 -14.19 -12.22
CA ASP B 398 -10.52 -15.44 -12.71
C ASP B 398 -12.01 -15.23 -12.81
N LYS B 399 -12.72 -16.28 -13.20
CA LYS B 399 -14.17 -16.23 -13.35
C LYS B 399 -14.90 -15.78 -12.10
N ARG B 400 -14.48 -16.30 -10.96
CA ARG B 400 -15.12 -15.97 -9.70
C ARG B 400 -14.71 -14.61 -9.13
N ALA B 401 -13.71 -13.99 -9.73
CA ALA B 401 -13.21 -12.71 -9.23
C ALA B 401 -14.12 -11.50 -9.46
N ASN B 402 -14.03 -10.52 -8.56
CA ASN B 402 -14.79 -9.28 -8.68
C ASN B 402 -14.05 -8.36 -9.63
N PRO B 403 -14.70 -7.93 -10.71
CA PRO B 403 -14.02 -7.04 -11.66
C PRO B 403 -13.42 -5.83 -11.03
N GLN B 404 -12.38 -5.32 -11.66
CA GLN B 404 -11.69 -4.14 -11.18
C GLN B 404 -11.47 -3.17 -12.32
N VAL B 405 -11.28 -1.93 -11.92
CA VAL B 405 -10.98 -0.83 -12.82
C VAL B 405 -9.69 -0.27 -12.26
N GLY B 406 -8.69 -0.14 -13.10
CA GLY B 406 -7.41 0.38 -12.62
C GLY B 406 -6.63 1.03 -13.74
N VAL B 407 -5.39 1.39 -13.42
CA VAL B 407 -4.51 2.05 -14.38
C VAL B 407 -3.34 1.14 -14.80
N ALA B 408 -2.89 1.33 -16.03
CA ALA B 408 -1.74 0.62 -16.56
C ALA B 408 -0.87 1.73 -17.15
N PHE B 409 0.22 2.06 -16.48
CA PHE B 409 1.11 3.12 -16.95
C PHE B 409 2.49 2.60 -17.34
N PRO B 410 3.10 3.21 -18.36
CA PRO B 410 4.42 2.79 -18.84
C PRO B 410 5.52 2.86 -17.79
N HIS B 411 6.48 1.95 -17.92
CA HIS B 411 7.62 1.80 -17.02
C HIS B 411 8.75 1.28 -17.92
N ILE B 412 9.68 2.15 -18.28
CA ILE B 412 10.77 1.75 -19.17
C ILE B 412 12.09 1.75 -18.42
N LYS B 413 12.88 0.72 -18.66
CA LYS B 413 14.18 0.58 -18.00
C LYS B 413 15.27 0.05 -18.92
N HIS B 414 16.44 -0.17 -18.31
CA HIS B 414 17.60 -0.68 -19.02
C HIS B 414 17.36 -2.10 -19.55
N ASN B 415 16.93 -2.99 -18.67
CA ASN B 415 16.72 -4.40 -19.01
C ASN B 415 15.33 -4.79 -19.52
N TYR B 416 14.32 -3.97 -19.26
CA TYR B 416 13.00 -4.35 -19.71
C TYR B 416 12.03 -3.21 -19.81
N GLU B 417 10.83 -3.53 -20.30
CA GLU B 417 9.76 -2.58 -20.47
C GLU B 417 8.45 -3.26 -20.10
N CYS B 418 7.55 -2.53 -19.48
CA CYS B 418 6.28 -3.11 -19.08
C CYS B 418 5.31 -2.04 -18.60
N LEU B 419 4.09 -2.49 -18.27
CA LEU B 419 3.05 -1.61 -17.75
C LEU B 419 2.86 -1.98 -16.29
N VAL B 420 2.67 -0.97 -15.44
CA VAL B 420 2.44 -1.25 -14.04
C VAL B 420 0.96 -1.13 -13.84
N TYR B 421 0.32 -2.21 -13.42
CA TYR B 421 -1.09 -2.17 -13.20
C TYR B 421 -1.31 -1.89 -11.74
N VAL B 422 -2.30 -1.03 -11.45
CA VAL B 422 -2.64 -0.71 -10.08
C VAL B 422 -4.13 -0.39 -10.06
N GLN B 423 -4.86 -1.02 -9.15
CA GLN B 423 -6.29 -0.77 -9.08
C GLN B 423 -6.68 0.67 -8.72
N LEU B 424 -7.72 1.18 -9.38
CA LEU B 424 -8.22 2.52 -9.10
C LEU B 424 -9.52 2.33 -8.30
N PRO B 425 -10.16 3.42 -7.87
CA PRO B 425 -11.39 3.30 -7.10
C PRO B 425 -12.72 3.32 -7.83
N PHE B 426 -13.72 2.73 -7.20
CA PHE B 426 -15.08 2.75 -7.71
C PHE B 426 -15.69 3.95 -6.96
N MET B 427 -16.75 4.54 -7.50
CA MET B 427 -17.38 5.71 -6.85
C MET B 427 -17.74 5.51 -5.36
N GLU B 428 -18.35 4.38 -5.04
CA GLU B 428 -18.74 4.08 -3.67
C GLU B 428 -17.56 3.96 -2.71
N ASP B 429 -16.33 4.03 -3.23
CA ASP B 429 -15.14 3.92 -2.38
C ASP B 429 -14.71 5.33 -1.99
N LEU B 430 -15.24 6.32 -2.70
CA LEU B 430 -14.86 7.69 -2.46
C LEU B 430 -15.55 8.34 -1.24
N ARG B 431 -14.74 8.82 -0.32
CA ARG B 431 -15.26 9.48 0.85
C ARG B 431 -14.76 10.90 0.69
N GLN B 432 -15.66 11.78 0.25
CA GLN B 432 -15.33 13.17 0.00
C GLN B 432 -15.73 14.10 1.13
N TYR B 433 -14.72 14.53 1.88
CA TYR B 433 -14.89 15.44 3.00
C TYR B 433 -14.22 16.71 2.54
N MET B 434 -14.77 17.86 2.90
CA MET B 434 -14.14 19.13 2.53
C MET B 434 -13.27 19.53 3.72
N PHE B 435 -12.18 20.26 3.46
CA PHE B 435 -11.29 20.72 4.53
C PHE B 435 -10.97 22.19 4.30
N SER B 436 -10.80 22.94 5.38
CA SER B 436 -10.52 24.38 5.32
C SER B 436 -9.14 24.79 4.83
N SER B 437 -9.10 25.61 3.79
CA SER B 437 -7.82 26.09 3.28
C SER B 437 -7.05 26.64 4.45
N LEU B 438 -5.79 26.25 4.55
CA LEU B 438 -4.95 26.74 5.62
C LEU B 438 -4.14 27.92 5.11
N LYS B 439 -4.07 28.06 3.79
CA LYS B 439 -3.33 29.15 3.16
C LYS B 439 -4.06 30.49 3.33
N ASN B 440 -5.36 30.49 3.07
CA ASN B 440 -6.17 31.68 3.17
C ASN B 440 -6.63 31.94 4.59
N SER B 441 -6.13 31.15 5.53
CA SER B 441 -6.51 31.31 6.94
C SER B 441 -5.71 32.42 7.56
N LYS B 442 -6.38 33.51 7.93
CA LYS B 442 -5.71 34.62 8.57
C LYS B 442 -5.49 34.25 10.03
N LYS B 443 -6.27 33.29 10.49
CA LYS B 443 -6.20 32.83 11.86
C LYS B 443 -4.93 32.01 12.13
N TYR B 444 -4.49 31.21 11.15
CA TYR B 444 -3.31 30.36 11.32
C TYR B 444 -2.06 30.69 10.49
N ALA B 445 -2.21 31.49 9.44
CA ALA B 445 -1.08 31.84 8.59
C ALA B 445 0.20 32.08 9.40
N PRO B 446 1.28 31.35 9.08
CA PRO B 446 2.56 31.50 9.78
C PRO B 446 3.32 32.76 9.38
N THR B 447 4.15 33.26 10.28
CA THR B 447 4.94 34.48 10.06
C THR B 447 6.15 34.18 9.19
N GLU B 448 6.88 35.24 8.84
CA GLU B 448 8.08 35.09 8.03
C GLU B 448 9.15 34.50 8.95
N ALA B 449 9.03 34.78 10.24
CA ALA B 449 9.99 34.27 11.22
C ALA B 449 9.79 32.76 11.34
N GLN B 450 8.53 32.35 11.21
CA GLN B 450 8.16 30.95 11.31
C GLN B 450 8.49 30.16 10.04
N LEU B 451 8.23 30.75 8.88
CA LEU B 451 8.50 30.06 7.63
C LEU B 451 9.97 29.71 7.43
N ASN B 452 10.84 30.70 7.51
CA ASN B 452 12.26 30.46 7.33
C ASN B 452 12.75 29.49 8.38
N ALA B 453 12.08 29.49 9.54
CA ALA B 453 12.46 28.60 10.62
C ALA B 453 12.31 27.15 10.17
N VAL B 454 11.19 26.86 9.51
CA VAL B 454 10.90 25.53 8.98
C VAL B 454 11.79 25.25 7.77
N ASP B 455 11.96 26.26 6.93
CA ASP B 455 12.81 26.15 5.74
C ASP B 455 14.19 25.70 6.21
N ALA B 456 14.58 26.13 7.40
CA ALA B 456 15.88 25.77 7.97
C ALA B 456 15.89 24.29 8.33
N LEU B 457 14.84 23.88 9.04
CA LEU B 457 14.69 22.50 9.49
C LEU B 457 14.71 21.51 8.34
N ILE B 458 13.82 21.72 7.37
CA ILE B 458 13.74 20.85 6.22
C ILE B 458 15.12 20.69 5.59
N ASP B 459 15.86 21.77 5.44
CA ASP B 459 17.21 21.69 4.88
C ASP B 459 18.13 20.76 5.69
N SER B 460 18.15 20.97 7.01
CA SER B 460 18.99 20.18 7.89
C SER B 460 18.60 18.71 7.95
N MET B 461 17.30 18.43 7.86
CA MET B 461 16.84 17.06 7.92
C MET B 461 16.68 16.38 6.58
N SER B 462 17.45 16.85 5.60
CA SER B 462 17.41 16.27 4.27
C SER B 462 17.96 14.83 4.33
N LEU B 463 17.22 13.89 3.78
CA LEU B 463 17.65 12.50 3.78
C LEU B 463 18.17 12.16 2.40
N ALA B 464 18.84 13.13 1.78
CA ALA B 464 19.40 12.92 0.46
C ALA B 464 20.55 13.88 0.22
N LYS B 465 21.33 13.60 -0.82
CA LYS B 465 22.45 14.45 -1.16
C LYS B 465 22.94 14.35 -2.60
N LYS B 466 23.18 15.50 -3.21
CA LYS B 466 23.70 15.57 -4.57
C LYS B 466 25.19 15.32 -4.40
N ASP B 467 25.56 14.04 -4.37
CA ASP B 467 26.94 13.62 -4.16
C ASP B 467 27.62 13.08 -5.42
N GLU B 468 28.72 12.36 -5.21
CA GLU B 468 29.54 11.74 -6.24
C GLU B 468 29.40 12.26 -7.68
N LYS B 469 28.66 11.54 -8.52
CA LYS B 469 28.44 11.93 -9.90
C LYS B 469 27.65 13.22 -9.91
N THR B 470 28.27 14.26 -9.34
CA THR B 470 27.72 15.62 -9.18
C THR B 470 26.26 15.85 -9.55
N ASP B 471 25.86 15.40 -10.74
CA ASP B 471 24.50 15.56 -11.22
C ASP B 471 23.64 14.39 -10.78
N THR B 472 24.03 13.73 -9.68
CA THR B 472 23.31 12.58 -9.16
C THR B 472 22.79 12.76 -7.73
N LEU B 473 21.64 12.14 -7.45
CA LEU B 473 21.03 12.22 -6.13
C LEU B 473 21.16 10.89 -5.38
N GLU B 474 21.60 10.96 -4.12
CA GLU B 474 21.80 9.76 -3.28
C GLU B 474 20.89 9.75 -2.07
N ASP B 475 20.12 8.68 -1.93
CA ASP B 475 19.21 8.54 -0.78
C ASP B 475 20.06 8.10 0.40
N LEU B 476 19.87 8.74 1.55
CA LEU B 476 20.65 8.38 2.72
C LEU B 476 19.87 7.46 3.64
N PHE B 477 18.59 7.30 3.34
CA PHE B 477 17.70 6.50 4.17
C PHE B 477 16.70 5.73 3.30
N PRO B 478 17.17 4.73 2.53
CA PRO B 478 16.37 3.89 1.62
C PRO B 478 15.41 2.88 2.28
N THR B 479 14.54 3.38 3.14
CA THR B 479 13.59 2.53 3.85
C THR B 479 13.05 1.30 3.10
N THR B 480 13.06 1.33 1.77
CA THR B 480 12.55 0.19 1.02
C THR B 480 13.63 -0.85 0.73
N LYS B 481 14.75 -0.77 1.43
CA LYS B 481 15.83 -1.73 1.26
C LYS B 481 15.99 -2.44 2.58
N ILE B 482 15.22 -1.96 3.55
CA ILE B 482 15.19 -2.48 4.90
C ILE B 482 14.07 -3.49 5.04
N PRO B 483 14.35 -4.61 5.69
CA PRO B 483 13.29 -5.60 5.82
C PRO B 483 12.34 -5.16 6.94
N ASN B 484 11.12 -5.66 6.91
CA ASN B 484 10.12 -5.34 7.92
C ASN B 484 10.68 -5.81 9.27
N PRO B 485 10.99 -4.89 10.21
CA PRO B 485 11.53 -5.26 11.53
C PRO B 485 10.60 -6.16 12.32
N ARG B 486 9.48 -6.50 11.70
CA ARG B 486 8.47 -7.33 12.30
C ARG B 486 8.89 -8.77 12.52
N PHE B 487 9.50 -9.34 11.50
CA PHE B 487 9.91 -10.74 11.52
C PHE B 487 11.12 -11.06 12.37
N GLN B 488 12.23 -10.37 12.13
CA GLN B 488 13.45 -10.60 12.89
C GLN B 488 13.13 -10.50 14.38
N ARG B 489 12.19 -9.60 14.70
CA ARG B 489 11.72 -9.39 16.06
C ARG B 489 11.06 -10.67 16.53
N LEU B 490 10.00 -11.04 15.82
CA LEU B 490 9.23 -12.24 16.09
C LEU B 490 10.12 -13.47 16.18
N PHE B 491 10.94 -13.70 15.15
CA PHE B 491 11.84 -14.85 15.13
C PHE B 491 12.73 -14.83 16.34
N GLN B 492 13.33 -13.67 16.62
CA GLN B 492 14.18 -13.58 17.79
C GLN B 492 13.40 -14.11 19.00
N CYS B 493 12.21 -13.53 19.26
CA CYS B 493 11.41 -13.99 20.38
C CYS B 493 11.14 -15.49 20.32
N LEU B 494 10.53 -15.94 19.23
CA LEU B 494 10.22 -17.36 19.08
C LEU B 494 11.41 -18.20 19.50
N LEU B 495 12.59 -17.86 19.00
CA LEU B 495 13.80 -18.61 19.30
C LEU B 495 14.11 -18.53 20.79
N HIS B 496 14.14 -17.31 21.30
CA HIS B 496 14.46 -17.15 22.71
C HIS B 496 13.53 -17.94 23.61
N ARG B 497 12.33 -18.21 23.14
CA ARG B 497 11.41 -18.98 23.95
C ARG B 497 11.67 -20.46 23.79
N ALA B 498 12.13 -20.84 22.61
CA ALA B 498 12.42 -22.25 22.35
C ALA B 498 13.64 -22.70 23.15
N LEU B 499 14.61 -21.81 23.27
CA LEU B 499 15.82 -22.15 23.99
C LEU B 499 15.77 -21.76 25.46
N HIS B 500 15.03 -20.70 25.76
CA HIS B 500 14.96 -20.26 27.15
C HIS B 500 13.53 -20.12 27.59
N PRO B 501 12.82 -21.25 27.66
CA PRO B 501 11.40 -21.35 28.06
C PRO B 501 11.02 -20.58 29.30
N ARG B 502 11.90 -20.57 30.30
CA ARG B 502 11.62 -19.88 31.56
C ARG B 502 11.81 -18.36 31.50
N GLU B 503 12.86 -17.89 30.85
CA GLU B 503 13.12 -16.46 30.76
C GLU B 503 12.07 -15.69 29.98
N PRO B 504 11.79 -14.45 30.40
CA PRO B 504 10.79 -13.63 29.71
C PRO B 504 11.35 -13.15 28.36
N LEU B 505 10.48 -12.84 27.42
CA LEU B 505 10.90 -12.37 26.10
C LEU B 505 11.90 -11.23 26.20
N PRO B 506 13.00 -11.31 25.43
CA PRO B 506 14.11 -10.35 25.37
C PRO B 506 13.78 -9.00 24.76
N PRO B 507 14.65 -8.02 25.00
CA PRO B 507 14.43 -6.68 24.46
C PRO B 507 14.79 -6.68 22.98
N ILE B 508 14.21 -5.74 22.25
CA ILE B 508 14.47 -5.61 20.81
C ILE B 508 15.98 -5.50 20.68
N GLN B 509 16.54 -6.03 19.60
CA GLN B 509 17.96 -5.99 19.38
C GLN B 509 18.37 -4.62 18.86
N GLN B 510 19.42 -4.05 19.43
CA GLN B 510 19.88 -2.74 18.99
C GLN B 510 20.00 -2.57 17.49
N HIS B 511 20.65 -3.51 16.82
CA HIS B 511 20.84 -3.36 15.38
C HIS B 511 19.51 -3.22 14.65
N ILE B 512 18.43 -3.69 15.26
CA ILE B 512 17.15 -3.50 14.61
C ILE B 512 16.70 -2.05 14.80
N TRP B 513 16.89 -1.51 16.01
CA TRP B 513 16.53 -0.10 16.27
C TRP B 513 17.45 0.81 15.45
N ASN B 514 18.71 0.43 15.34
CA ASN B 514 19.66 1.25 14.59
C ASN B 514 19.33 1.36 13.12
N MET B 515 18.73 0.31 12.54
CA MET B 515 18.39 0.35 11.12
C MET B 515 17.09 1.08 10.84
N LEU B 516 16.23 1.20 11.83
CA LEU B 516 14.99 1.89 11.60
C LEU B 516 15.14 3.39 11.85
N ASN B 517 16.30 3.80 12.38
CA ASN B 517 16.56 5.23 12.61
C ASN B 517 17.40 5.75 11.47
N PRO B 518 17.34 7.06 11.22
CA PRO B 518 18.09 7.70 10.14
C PRO B 518 19.57 7.85 10.50
N PRO B 519 20.38 8.24 9.51
CA PRO B 519 21.82 8.42 9.74
C PRO B 519 22.02 9.31 10.96
N ALA B 520 23.21 9.29 11.52
CA ALA B 520 23.49 10.11 12.70
C ALA B 520 23.57 11.58 12.30
N GLU B 521 24.09 11.84 11.09
CA GLU B 521 24.22 13.20 10.59
C GLU B 521 22.91 13.96 10.76
N VAL B 522 21.86 13.45 10.12
CA VAL B 522 20.54 14.07 10.17
C VAL B 522 20.17 14.52 11.58
N THR B 523 20.32 13.62 12.55
CA THR B 523 19.99 13.96 13.93
C THR B 523 20.83 15.16 14.38
N THR B 524 22.11 15.12 14.05
CA THR B 524 23.03 16.19 14.41
C THR B 524 22.57 17.50 13.77
N LYS B 525 22.67 17.59 12.45
CA LYS B 525 22.26 18.79 11.74
C LYS B 525 20.88 19.33 12.15
N SER B 526 20.02 18.47 12.68
CA SER B 526 18.67 18.87 13.07
C SER B 526 18.56 19.68 14.38
N GLN B 527 19.36 19.31 15.38
CA GLN B 527 19.36 19.96 16.70
C GLN B 527 18.96 21.45 16.74
N ILE B 528 19.91 22.31 16.40
CA ILE B 528 19.71 23.77 16.39
C ILE B 528 18.44 24.15 15.65
N PRO B 529 18.30 23.74 14.38
CA PRO B 529 17.08 24.12 13.67
C PRO B 529 15.88 23.82 14.56
N LEU B 530 15.77 22.57 14.99
CA LEU B 530 14.65 22.16 15.84
C LEU B 530 14.42 23.10 17.03
N SER B 531 15.51 23.43 17.73
CA SER B 531 15.42 24.32 18.89
C SER B 531 14.67 25.59 18.54
N LYS B 532 15.12 26.26 17.48
CA LYS B 532 14.46 27.48 17.05
C LYS B 532 13.00 27.19 16.76
N ILE B 533 12.73 26.09 16.07
CA ILE B 533 11.36 25.75 15.75
C ILE B 533 10.56 25.49 17.00
N LYS B 534 11.22 25.06 18.06
CA LYS B 534 10.48 24.83 19.28
C LYS B 534 9.96 26.18 19.77
N THR B 535 10.88 27.10 20.02
CA THR B 535 10.51 28.42 20.50
C THR B 535 9.52 29.11 19.58
N LEU B 536 9.92 29.36 18.33
CA LEU B 536 9.05 30.05 17.36
C LEU B 536 7.64 29.49 17.14
N PHE B 537 7.40 28.24 17.50
CA PHE B 537 6.06 27.66 17.35
C PHE B 537 5.47 27.21 18.66
N PRO B 538 4.68 28.08 19.30
CA PRO B 538 4.05 27.74 20.58
C PRO B 538 3.11 26.55 20.41
N LEU B 539 3.03 25.72 21.43
CA LEU B 539 2.18 24.56 21.37
C LEU B 539 1.72 24.20 22.76
N ILE B 540 0.41 24.23 22.98
CA ILE B 540 -0.14 23.90 24.28
C ILE B 540 -1.35 22.97 24.17
N GLU B 541 -1.34 21.93 24.99
CA GLU B 541 -2.43 20.95 24.99
C GLU B 541 -3.70 21.57 25.58
N ALA B 542 -4.84 21.32 24.94
CA ALA B 542 -6.10 21.87 25.43
C ALA B 542 -6.41 21.31 26.83
#